data_9FEE
#
_entry.id   9FEE
#
_cell.length_a   1.00
_cell.length_b   1.00
_cell.length_c   1.00
_cell.angle_alpha   90.00
_cell.angle_beta   90.00
_cell.angle_gamma   90.00
#
_symmetry.space_group_name_H-M   'P 1'
#
_entity_poly.entity_id   1
_entity_poly.type   'polypeptide(L)'
_entity_poly.pdbx_seq_one_letter_code
;MAHHHHHHMVNVAVIGAAGGIGQSLSLLLLRELPFGSTLSLYDVVGAPGVAADLSHIDRAGITVKHAAGKLPPVPRDPAL
TELAEGVDVFVIVAGVPRKPGMTRDDLFNVNAGIVMDLVLTCASVSPNACFCIVTNPVNSTTPIAAQTLRKIGVYNKNKL
LGVSLLDGLRATRFINNARHPLVVPYVPVVGGHSDVTIVPLYSQIPGPLPDESTLKEIRKRVQVAGTEVVKAKAGRGSAT
LSMAEAGARFTMHVVKALMGLDTPMVYAYVDTDGEHECPFLAMPVVLGKNGIERRLPIGPITTVEKEMLEEAVGVVKKNI
AKGETFARSKL
;
_entity_poly.pdbx_strand_id   A,B,C,D
#
# COMPACT_ATOMS: atom_id res chain seq x y z
N MET A 9 -5.38 6.35 18.67
CA MET A 9 -5.51 7.68 19.24
C MET A 9 -4.15 8.25 19.62
N VAL A 10 -3.66 9.20 18.83
CA VAL A 10 -2.38 9.85 19.07
C VAL A 10 -2.50 11.31 18.69
N ASN A 11 -1.81 12.16 19.42
CA ASN A 11 -1.83 13.61 19.22
C ASN A 11 -0.45 14.07 18.79
N VAL A 12 -0.36 14.67 17.60
CA VAL A 12 0.88 15.14 17.02
C VAL A 12 0.77 16.64 16.77
N ALA A 13 1.72 17.40 17.29
CA ALA A 13 1.72 18.85 17.17
C ALA A 13 2.95 19.30 16.39
N VAL A 14 2.74 20.16 15.40
CA VAL A 14 3.83 20.73 14.61
C VAL A 14 3.96 22.20 15.00
N ILE A 15 5.07 22.54 15.63
CA ILE A 15 5.32 23.91 16.07
C ILE A 15 5.97 24.67 14.93
N GLY A 16 5.34 25.76 14.51
CA GLY A 16 5.81 26.52 13.37
C GLY A 16 5.35 25.95 12.05
N ALA A 17 4.02 25.82 11.88
CA ALA A 17 3.49 25.18 10.69
C ALA A 17 3.33 26.12 9.52
N ALA A 18 3.38 27.44 9.74
CA ALA A 18 3.17 28.41 8.68
C ALA A 18 4.45 28.84 7.99
N GLY A 19 5.59 28.24 8.34
CA GLY A 19 6.85 28.56 7.70
C GLY A 19 7.01 27.84 6.37
N GLY A 20 8.22 27.92 5.83
CA GLY A 20 8.50 27.30 4.56
C GLY A 20 8.43 25.78 4.61
N ILE A 21 9.01 25.19 5.65
CA ILE A 21 9.02 23.73 5.77
C ILE A 21 7.79 23.21 6.50
N GLY A 22 7.23 24.00 7.42
CA GLY A 22 6.11 23.52 8.21
C GLY A 22 4.89 23.19 7.38
N GLN A 23 4.63 23.97 6.34
CA GLN A 23 3.45 23.74 5.51
C GLN A 23 3.55 22.43 4.75
N SER A 24 4.69 22.18 4.12
CA SER A 24 4.88 20.91 3.41
C SER A 24 4.90 19.74 4.37
N LEU A 25 5.52 19.92 5.54
CA LEU A 25 5.53 18.86 6.55
C LEU A 25 4.12 18.52 7.00
N SER A 26 3.29 19.53 7.25
CA SER A 26 1.92 19.29 7.67
C SER A 26 1.11 18.61 6.58
N LEU A 27 1.26 19.05 5.33
CA LEU A 27 0.53 18.40 4.25
C LEU A 27 0.95 16.95 4.11
N LEU A 28 2.24 16.66 4.23
CA LEU A 28 2.71 15.28 4.12
C LEU A 28 2.22 14.43 5.28
N LEU A 29 2.19 15.01 6.49
CA LEU A 29 1.72 14.26 7.65
C LEU A 29 0.23 13.95 7.55
N LEU A 30 -0.55 14.87 6.98
CA LEU A 30 -1.99 14.69 6.94
C LEU A 30 -2.41 13.45 6.16
N ARG A 31 -1.64 13.06 5.15
CA ARG A 31 -2.01 11.95 4.30
C ARG A 31 -1.48 10.61 4.79
N GLU A 32 -0.69 10.57 5.86
CA GLU A 32 -0.09 9.34 6.35
C GLU A 32 -0.43 8.99 7.78
N LEU A 33 -1.01 9.91 8.54
CA LEU A 33 -1.33 9.63 9.93
C LEU A 33 -2.37 8.51 10.02
N PRO A 34 -2.35 7.73 11.10
CA PRO A 34 -3.32 6.64 11.23
C PRO A 34 -4.72 7.16 11.53
N PHE A 35 -5.70 6.28 11.30
CA PHE A 35 -7.09 6.60 11.56
C PHE A 35 -7.29 6.98 13.03
N GLY A 36 -8.08 8.03 13.25
CA GLY A 36 -8.37 8.50 14.59
C GLY A 36 -7.35 9.46 15.16
N SER A 37 -6.31 9.81 14.42
CA SER A 37 -5.27 10.69 14.92
C SER A 37 -5.75 12.15 14.92
N THR A 38 -5.01 12.99 15.63
CA THR A 38 -5.31 14.41 15.74
C THR A 38 -4.06 15.21 15.42
N LEU A 39 -4.24 16.31 14.70
CA LEU A 39 -3.14 17.17 14.26
C LEU A 39 -3.34 18.57 14.82
N SER A 40 -2.29 19.10 15.45
CA SER A 40 -2.29 20.45 15.97
C SER A 40 -1.25 21.28 15.24
N LEU A 41 -1.60 22.53 14.93
CA LEU A 41 -0.71 23.44 14.22
C LEU A 41 -0.64 24.75 14.97
N TYR A 42 0.57 25.25 15.21
CA TYR A 42 0.78 26.51 15.91
C TYR A 42 1.81 27.35 15.18
N ASP A 43 1.54 28.65 15.08
CA ASP A 43 2.53 29.60 14.61
C ASP A 43 2.09 31.01 15.02
N VAL A 44 3.04 31.93 15.02
CA VAL A 44 2.74 33.30 15.45
C VAL A 44 1.82 33.98 14.46
N VAL A 45 2.09 33.82 13.16
CA VAL A 45 1.26 34.41 12.11
C VAL A 45 1.08 33.39 11.00
N GLY A 46 -0.13 33.25 10.48
CA GLY A 46 -0.42 32.38 9.37
C GLY A 46 -1.04 31.05 9.74
N ALA A 47 -1.19 30.76 11.03
CA ALA A 47 -1.80 29.49 11.43
C ALA A 47 -3.24 29.32 10.97
N PRO A 48 -4.13 30.32 11.10
CA PRO A 48 -5.52 30.10 10.65
C PRO A 48 -5.64 29.73 9.18
N GLY A 49 -4.81 30.30 8.31
CA GLY A 49 -4.89 29.96 6.91
C GLY A 49 -4.53 28.52 6.64
N VAL A 50 -3.43 28.05 7.23
CA VAL A 50 -3.03 26.66 7.07
C VAL A 50 -4.11 25.74 7.63
N ALA A 51 -4.65 26.09 8.80
CA ALA A 51 -5.69 25.28 9.41
C ALA A 51 -6.92 25.18 8.50
N ALA A 52 -7.58 26.30 8.25
CA ALA A 52 -8.74 26.26 7.35
C ALA A 52 -8.33 26.39 5.90
N ASP A 53 -7.26 25.70 5.54
CA ASP A 53 -6.94 25.25 4.20
C ASP A 53 -6.78 23.74 4.13
N LEU A 54 -6.14 23.15 5.13
CA LEU A 54 -5.97 21.70 5.16
C LEU A 54 -7.25 20.96 5.51
N SER A 55 -8.21 21.64 6.14
CA SER A 55 -9.43 21.00 6.61
C SER A 55 -10.39 20.62 5.49
N HIS A 56 -10.15 21.08 4.26
CA HIS A 56 -11.05 20.79 3.16
C HIS A 56 -10.67 19.53 2.39
N ILE A 57 -9.65 18.82 2.82
CA ILE A 57 -9.31 17.52 2.24
C ILE A 57 -10.10 16.45 2.97
N ASP A 58 -10.38 15.34 2.28
CA ASP A 58 -11.28 14.33 2.83
C ASP A 58 -10.75 13.73 4.11
N ARG A 59 -9.68 12.94 4.01
CA ARG A 59 -8.96 12.38 5.15
C ARG A 59 -9.90 11.97 6.28
N ALA A 60 -10.75 10.99 5.99
CA ALA A 60 -11.74 10.53 6.95
C ALA A 60 -11.05 10.05 8.23
N GLY A 61 -11.59 10.49 9.36
CA GLY A 61 -11.11 10.03 10.66
C GLY A 61 -10.00 10.85 11.28
N ILE A 62 -9.70 12.03 10.76
CA ILE A 62 -8.64 12.88 11.30
C ILE A 62 -9.21 14.26 11.58
N THR A 63 -9.01 14.74 12.80
CA THR A 63 -9.44 16.07 13.20
C THR A 63 -8.25 17.02 13.21
N VAL A 64 -8.48 18.25 12.79
CA VAL A 64 -7.44 19.26 12.67
C VAL A 64 -7.77 20.41 13.61
N LYS A 65 -6.86 20.71 14.52
CA LYS A 65 -6.99 21.85 15.41
C LYS A 65 -5.88 22.86 15.12
N HIS A 66 -6.04 24.06 15.67
CA HIS A 66 -5.03 25.09 15.49
C HIS A 66 -5.14 26.11 16.60
N ALA A 67 -4.08 26.89 16.77
CA ALA A 67 -4.05 27.96 17.75
C ALA A 67 -3.17 29.06 17.20
N ALA A 68 -3.78 30.19 16.86
CA ALA A 68 -3.03 31.31 16.32
C ALA A 68 -2.10 31.90 17.38
N GLY A 69 -0.98 32.44 16.92
CA GLY A 69 -0.01 33.01 17.84
C GLY A 69 -0.42 34.39 18.28
N LYS A 70 0.50 35.35 18.22
CA LYS A 70 0.23 36.67 18.77
C LYS A 70 0.99 37.71 17.95
N LEU A 71 1.15 38.90 18.52
CA LEU A 71 1.91 40.02 18.01
C LEU A 71 3.39 39.68 18.14
N PRO A 72 4.32 40.59 17.82
CA PRO A 72 5.74 40.32 18.07
C PRO A 72 5.96 39.52 19.35
N PRO A 73 6.81 38.50 19.29
CA PRO A 73 6.70 37.37 20.22
C PRO A 73 6.80 37.77 21.68
N VAL A 74 6.11 37.01 22.52
CA VAL A 74 6.16 37.15 23.98
C VAL A 74 6.43 35.77 24.58
N PRO A 75 7.12 35.68 25.70
CA PRO A 75 7.41 34.36 26.28
C PRO A 75 6.17 33.72 26.88
N ARG A 76 6.20 32.38 26.91
CA ARG A 76 5.13 31.57 27.49
C ARG A 76 3.76 31.97 26.94
N ASP A 77 3.59 31.76 25.65
CA ASP A 77 2.39 32.21 24.96
C ASP A 77 1.19 31.43 25.49
N PRO A 78 0.12 32.11 25.92
CA PRO A 78 -1.03 31.39 26.48
C PRO A 78 -1.69 30.43 25.51
N ALA A 79 -1.69 30.73 24.21
CA ALA A 79 -2.30 29.81 23.25
C ALA A 79 -1.53 28.50 23.17
N LEU A 80 -0.20 28.57 23.24
CA LEU A 80 0.60 27.34 23.19
C LEU A 80 0.39 26.49 24.43
N THR A 81 0.24 27.12 25.60
CA THR A 81 0.00 26.36 26.82
C THR A 81 -1.32 25.61 26.73
N GLU A 82 -2.36 26.24 26.18
CA GLU A 82 -3.63 25.55 26.03
C GLU A 82 -3.57 24.49 24.95
N LEU A 83 -2.82 24.74 23.87
CA LEU A 83 -2.72 23.77 22.79
C LEU A 83 -1.87 22.56 23.16
N ALA A 84 -1.00 22.69 24.16
CA ALA A 84 -0.06 21.63 24.50
C ALA A 84 -0.63 20.59 25.46
N GLU A 85 -1.91 20.70 25.83
CA GLU A 85 -2.52 19.71 26.71
C GLU A 85 -2.84 18.44 25.96
N GLY A 86 -2.47 17.29 26.53
CA GLY A 86 -2.74 16.01 25.92
C GLY A 86 -2.00 15.73 24.62
N VAL A 87 -0.70 16.04 24.58
CA VAL A 87 0.11 15.89 23.38
C VAL A 87 1.11 14.75 23.57
N ASP A 88 1.27 13.93 22.54
CA ASP A 88 2.19 12.79 22.55
C ASP A 88 3.54 13.13 21.93
N VAL A 89 3.54 13.75 20.75
CA VAL A 89 4.75 14.05 20.00
C VAL A 89 4.81 15.55 19.72
N PHE A 90 5.99 16.13 19.88
CA PHE A 90 6.26 17.50 19.50
C PHE A 90 7.24 17.49 18.34
N VAL A 91 6.87 18.12 17.23
CA VAL A 91 7.74 18.26 16.07
C VAL A 91 8.14 19.73 15.98
N ILE A 92 9.39 20.04 16.35
CA ILE A 92 9.84 21.41 16.55
C ILE A 92 10.63 21.82 15.31
N VAL A 93 9.96 22.49 14.38
CA VAL A 93 10.61 23.04 13.19
C VAL A 93 10.22 24.52 13.14
N ALA A 94 11.05 25.38 13.72
CA ALA A 94 10.75 26.79 13.82
C ALA A 94 12.05 27.58 13.90
N GLY A 95 12.21 28.56 13.02
CA GLY A 95 13.40 29.37 13.02
C GLY A 95 13.39 30.33 11.85
N VAL A 96 14.36 31.22 11.86
CA VAL A 96 14.47 32.26 10.84
C VAL A 96 14.67 31.65 9.45
N ASP A 105 26.18 35.52 10.56
CA ASP A 105 27.11 34.69 11.32
C ASP A 105 26.58 34.43 12.74
N ASP A 106 25.43 35.02 13.06
CA ASP A 106 24.77 34.83 14.35
C ASP A 106 23.41 34.18 14.19
N LEU A 107 23.26 33.30 13.20
CA LEU A 107 22.00 32.57 13.05
C LEU A 107 21.79 31.61 14.22
N PHE A 108 22.87 31.18 14.87
CA PHE A 108 22.75 30.20 15.94
C PHE A 108 22.03 30.77 17.17
N ASN A 109 22.28 32.05 17.48
CA ASN A 109 21.75 32.62 18.72
C ASN A 109 20.23 32.69 18.71
N VAL A 110 19.65 33.19 17.61
CA VAL A 110 18.21 33.34 17.52
C VAL A 110 17.53 31.99 17.61
N ASN A 111 18.03 31.01 16.86
CA ASN A 111 17.45 29.67 16.88
C ASN A 111 17.57 29.02 18.25
N ALA A 112 18.71 29.20 18.91
CA ALA A 112 18.90 28.61 20.23
C ALA A 112 17.91 29.21 21.23
N GLY A 113 17.75 30.54 21.22
CA GLY A 113 16.79 31.15 22.11
C GLY A 113 15.36 30.69 21.83
N ILE A 114 15.00 30.62 20.55
CA ILE A 114 13.66 30.19 20.17
C ILE A 114 13.40 28.78 20.67
N VAL A 115 14.37 27.87 20.46
CA VAL A 115 14.19 26.49 20.87
C VAL A 115 14.08 26.38 22.39
N MET A 116 14.92 27.14 23.11
CA MET A 116 14.85 27.11 24.57
C MET A 116 13.48 27.53 25.07
N ASP A 117 12.97 28.66 24.55
CA ASP A 117 11.65 29.12 24.99
C ASP A 117 10.55 28.13 24.61
N LEU A 118 10.60 27.59 23.39
CA LEU A 118 9.54 26.70 22.94
C LEU A 118 9.51 25.41 23.76
N VAL A 119 10.68 24.83 24.03
CA VAL A 119 10.72 23.62 24.85
C VAL A 119 10.25 23.92 26.26
N LEU A 120 10.66 25.05 26.82
CA LEU A 120 10.22 25.40 28.17
C LEU A 120 8.71 25.52 28.24
N THR A 121 8.09 26.14 27.23
CA THR A 121 6.64 26.29 27.23
C THR A 121 5.93 24.97 27.01
N CYS A 122 6.43 24.14 26.09
CA CYS A 122 5.72 22.92 25.71
C CYS A 122 5.84 21.82 26.75
N ALA A 123 7.00 21.69 27.40
CA ALA A 123 7.20 20.57 28.32
C ALA A 123 6.61 20.81 29.70
N SER A 124 6.13 22.01 29.99
CA SER A 124 5.60 22.31 31.32
C SER A 124 4.25 21.68 31.59
N VAL A 125 3.55 21.20 30.55
CA VAL A 125 2.22 20.62 30.73
C VAL A 125 2.14 19.17 30.31
N SER A 126 3.03 18.67 29.46
CA SER A 126 3.03 17.27 29.02
C SER A 126 4.44 16.70 29.15
N PRO A 127 4.89 16.45 30.39
CA PRO A 127 6.27 15.97 30.57
C PRO A 127 6.54 14.60 29.97
N ASN A 128 5.53 13.80 29.70
CA ASN A 128 5.70 12.44 29.21
C ASN A 128 5.63 12.35 27.69
N ALA A 129 6.02 13.40 26.99
CA ALA A 129 5.92 13.46 25.54
C ALA A 129 7.29 13.34 24.90
N CYS A 130 7.28 13.00 23.60
CA CYS A 130 8.50 12.93 22.82
C CYS A 130 8.75 14.27 22.13
N PHE A 131 10.02 14.64 22.04
CA PHE A 131 10.45 15.86 21.35
C PHE A 131 11.31 15.49 20.16
N CYS A 132 10.99 16.05 19.00
CA CYS A 132 11.80 15.89 17.80
C CYS A 132 12.29 17.26 17.38
N ILE A 133 13.59 17.37 17.10
CA ILE A 133 14.23 18.65 16.77
C ILE A 133 14.60 18.63 15.31
N VAL A 134 14.09 19.61 14.56
CA VAL A 134 14.38 19.74 13.14
C VAL A 134 15.07 21.05 12.79
N THR A 135 15.27 21.95 13.75
CA THR A 135 16.01 23.18 13.49
C THR A 135 17.45 22.86 13.10
N ASN A 136 17.99 23.65 12.17
CA ASN A 136 19.20 23.23 11.45
C ASN A 136 20.42 23.02 12.33
N PRO A 137 20.81 23.94 13.24
CA PRO A 137 22.00 23.67 14.07
C PRO A 137 21.75 22.55 15.07
N VAL A 138 21.60 21.32 14.56
CA VAL A 138 21.19 20.20 15.41
C VAL A 138 22.25 19.92 16.48
N ASN A 139 23.53 19.88 16.08
CA ASN A 139 24.60 19.51 17.00
C ASN A 139 24.66 20.41 18.22
N SER A 140 24.22 21.65 18.10
CA SER A 140 24.23 22.58 19.22
C SER A 140 22.86 22.78 19.85
N THR A 141 21.78 22.43 19.16
CA THR A 141 20.43 22.65 19.69
C THR A 141 19.90 21.46 20.48
N THR A 142 20.28 20.23 20.12
CA THR A 142 19.80 19.09 20.90
C THR A 142 20.28 19.11 22.34
N PRO A 143 21.56 19.35 22.65
CA PRO A 143 21.94 19.51 24.07
C PRO A 143 21.26 20.69 24.74
N ILE A 144 20.87 21.73 24.00
CA ILE A 144 20.13 22.83 24.60
C ILE A 144 18.77 22.34 25.10
N ALA A 145 18.07 21.56 24.27
CA ALA A 145 16.79 21.00 24.70
C ALA A 145 16.98 20.06 25.88
N ALA A 146 18.04 19.25 25.85
CA ALA A 146 18.31 18.35 26.97
C ALA A 146 18.54 19.14 28.26
N GLN A 147 19.31 20.22 28.17
CA GLN A 147 19.61 21.01 29.37
C GLN A 147 18.38 21.73 29.88
N THR A 148 17.51 22.21 28.99
CA THR A 148 16.26 22.82 29.43
C THR A 148 15.38 21.81 30.16
N LEU A 149 15.27 20.59 29.61
CA LEU A 149 14.49 19.56 30.27
C LEU A 149 15.09 19.20 31.63
N ARG A 150 16.42 19.18 31.71
CA ARG A 150 17.08 18.99 33.00
C ARG A 150 16.73 20.10 33.97
N LYS A 151 16.69 21.34 33.49
CA LYS A 151 16.35 22.48 34.34
C LYS A 151 14.93 22.35 34.89
N ILE A 152 13.99 21.92 34.04
CA ILE A 152 12.61 21.74 34.51
C ILE A 152 12.55 20.72 35.64
N GLY A 153 13.24 19.59 35.47
CA GLY A 153 13.17 18.48 36.40
C GLY A 153 12.70 17.18 35.79
N VAL A 154 12.23 17.20 34.55
CA VAL A 154 11.80 16.01 33.83
C VAL A 154 12.70 15.84 32.62
N TYR A 155 13.35 14.69 32.52
CA TYR A 155 14.21 14.41 31.37
C TYR A 155 14.30 12.92 31.19
N ASN A 156 13.84 12.42 30.05
CA ASN A 156 13.96 11.01 29.68
C ASN A 156 14.92 10.92 28.50
N LYS A 157 16.07 10.28 28.72
CA LYS A 157 17.08 10.20 27.67
C LYS A 157 16.66 9.31 26.51
N ASN A 158 15.58 8.56 26.64
CA ASN A 158 15.05 7.75 25.55
C ASN A 158 13.93 8.45 24.80
N LYS A 159 13.62 9.70 25.13
CA LYS A 159 12.55 10.46 24.50
C LYS A 159 13.04 11.83 24.10
N LEU A 160 14.19 11.87 23.44
CA LEU A 160 14.75 13.11 22.91
C LEU A 160 15.63 12.75 21.72
N LEU A 161 15.19 13.11 20.52
CA LEU A 161 15.85 12.69 19.29
C LEU A 161 16.15 13.90 18.41
N GLY A 162 17.13 13.74 17.53
CA GLY A 162 17.45 14.73 16.53
C GLY A 162 17.43 14.13 15.15
N VAL A 163 16.64 14.70 14.25
CA VAL A 163 16.47 14.11 12.93
C VAL A 163 17.74 14.26 12.11
N SER A 164 18.21 13.17 11.52
CA SER A 164 19.42 13.16 10.71
C SER A 164 19.27 12.30 9.47
N LEU A 165 18.07 12.21 8.91
CA LEU A 165 17.80 11.32 7.80
C LEU A 165 18.15 11.92 6.44
N LEU A 166 18.32 13.24 6.36
CA LEU A 166 18.60 13.88 5.08
C LEU A 166 19.92 13.40 4.50
N ASP A 167 20.93 13.28 5.35
CA ASP A 167 22.24 12.81 4.90
C ASP A 167 22.16 11.38 4.37
N GLY A 168 21.39 10.52 5.04
CA GLY A 168 21.19 9.17 4.55
C GLY A 168 20.50 9.14 3.20
N LEU A 169 19.49 10.00 3.03
CA LEU A 169 18.81 10.09 1.75
C LEU A 169 19.77 10.49 0.64
N ARG A 170 20.59 11.52 0.91
CA ARG A 170 21.55 12.00 -0.10
C ARG A 170 22.58 10.92 -0.44
N ALA A 171 23.12 10.25 0.57
CA ALA A 171 24.12 9.22 0.33
C ALA A 171 23.53 8.07 -0.47
N THR A 172 22.31 7.64 -0.12
CA THR A 172 21.67 6.58 -0.87
C THR A 172 21.46 6.99 -2.32
N ARG A 173 21.00 8.21 -2.55
CA ARG A 173 20.75 8.66 -3.92
C ARG A 173 22.03 8.65 -4.74
N PHE A 174 23.12 9.15 -4.17
CA PHE A 174 24.37 9.24 -4.92
C PHE A 174 24.93 7.85 -5.22
N ILE A 175 24.97 6.97 -4.20
CA ILE A 175 25.54 5.65 -4.43
C ILE A 175 24.67 4.84 -5.37
N ASN A 176 23.36 5.07 -5.39
CA ASN A 176 22.50 4.38 -6.35
C ASN A 176 22.71 4.93 -7.75
N ASN A 177 23.00 6.23 -7.86
CA ASN A 177 23.35 6.79 -9.17
C ASN A 177 24.62 6.17 -9.72
N ALA A 178 25.62 5.94 -8.84
CA ALA A 178 26.90 5.42 -9.31
C ALA A 178 26.74 4.04 -9.95
N ARG A 179 26.09 3.11 -9.24
CA ARG A 179 25.93 1.74 -9.73
C ARG A 179 24.58 1.61 -10.41
N HIS A 180 24.59 1.19 -11.68
CA HIS A 180 23.43 1.42 -12.54
C HIS A 180 22.22 0.60 -12.10
N PRO A 181 22.22 -0.75 -12.16
CA PRO A 181 21.00 -1.47 -11.79
C PRO A 181 21.00 -2.02 -10.36
N LEU A 182 22.06 -1.76 -9.60
CA LEU A 182 22.20 -2.29 -8.24
C LEU A 182 21.72 -1.23 -7.25
N VAL A 183 20.61 -1.52 -6.57
CA VAL A 183 19.96 -0.58 -5.67
C VAL A 183 20.09 -1.06 -4.24
N VAL A 184 20.19 -0.12 -3.30
CA VAL A 184 20.15 -0.44 -1.87
C VAL A 184 19.09 0.44 -1.22
N PRO A 185 18.40 -0.05 -0.19
CA PRO A 185 17.33 0.75 0.43
C PRO A 185 17.83 1.85 1.34
N TYR A 186 18.98 1.65 1.96
CA TYR A 186 19.50 2.62 2.92
C TYR A 186 21.01 2.49 3.00
N VAL A 187 21.64 3.50 3.59
CA VAL A 187 23.09 3.55 3.78
C VAL A 187 23.38 4.06 5.19
N PRO A 188 24.22 3.38 5.96
CA PRO A 188 24.54 3.87 7.31
C PRO A 188 25.37 5.14 7.26
N VAL A 189 24.98 6.12 8.09
CA VAL A 189 25.68 7.38 8.20
C VAL A 189 25.81 7.72 9.68
N VAL A 190 27.04 7.93 10.14
CA VAL A 190 27.30 8.22 11.55
C VAL A 190 28.01 9.56 11.67
N GLY A 191 28.33 9.97 12.89
CA GLY A 191 29.06 11.21 13.10
C GLY A 191 28.21 12.34 13.64
N GLY A 192 28.04 13.40 12.84
CA GLY A 192 27.25 14.55 13.21
C GLY A 192 26.30 14.94 12.10
N HIS A 193 26.05 16.24 11.99
CA HIS A 193 25.17 16.76 10.95
C HIS A 193 25.74 17.95 10.18
N SER A 194 26.88 18.50 10.59
CA SER A 194 27.49 19.60 9.86
C SER A 194 28.19 19.05 8.62
N ASP A 195 28.95 19.89 7.92
CA ASP A 195 29.60 19.47 6.70
C ASP A 195 30.88 18.66 6.92
N VAL A 196 31.59 18.88 8.03
CA VAL A 196 32.82 18.14 8.28
C VAL A 196 32.56 16.85 9.05
N THR A 197 31.40 16.70 9.67
CA THR A 197 31.14 15.60 10.58
C THR A 197 30.43 14.42 9.93
N ILE A 198 29.77 14.61 8.79
CA ILE A 198 29.07 13.51 8.14
C ILE A 198 30.08 12.52 7.60
N VAL A 199 29.89 11.24 7.94
CA VAL A 199 30.76 10.18 7.44
C VAL A 199 29.93 8.96 7.05
N PRO A 200 29.75 8.71 5.76
CA PRO A 200 29.01 7.51 5.33
C PRO A 200 29.88 6.27 5.43
N LEU A 201 29.27 5.17 5.86
CA LEU A 201 29.96 3.89 5.99
C LEU A 201 29.57 3.03 4.78
N TYR A 202 30.28 3.25 3.68
CA TYR A 202 29.98 2.55 2.44
C TYR A 202 30.44 1.09 2.45
N SER A 203 31.23 0.67 3.44
CA SER A 203 31.69 -0.70 3.48
C SER A 203 30.60 -1.66 3.96
N GLN A 204 29.69 -1.19 4.82
CA GLN A 204 28.66 -2.06 5.37
C GLN A 204 27.39 -2.06 4.52
N ILE A 205 27.53 -2.24 3.21
CA ILE A 205 26.39 -2.44 2.33
C ILE A 205 26.73 -3.50 1.30
N PRO A 206 25.72 -4.24 0.86
CA PRO A 206 25.98 -5.35 -0.07
C PRO A 206 26.48 -4.86 -1.42
N GLY A 207 27.28 -5.71 -2.07
CA GLY A 207 27.69 -5.47 -3.43
C GLY A 207 29.14 -5.07 -3.59
N PRO A 208 29.62 -5.10 -4.83
CA PRO A 208 30.99 -4.67 -5.12
C PRO A 208 31.11 -3.16 -5.29
N LEU A 209 31.38 -2.44 -4.18
CA LEU A 209 31.59 -1.00 -4.15
C LEU A 209 32.44 -0.56 -5.35
N PRO A 210 32.16 0.60 -5.96
CA PRO A 210 32.66 0.87 -7.31
C PRO A 210 34.17 0.81 -7.46
N ASP A 211 34.89 1.68 -6.76
CA ASP A 211 36.33 1.77 -6.87
C ASP A 211 36.83 2.83 -5.91
N GLU A 212 38.12 2.78 -5.60
CA GLU A 212 38.75 3.85 -4.86
C GLU A 212 38.95 5.05 -5.77
N SER A 213 39.15 6.22 -5.16
CA SER A 213 39.32 7.49 -5.86
C SER A 213 38.03 7.92 -6.55
N THR A 214 37.00 7.07 -6.47
CA THR A 214 35.65 7.42 -6.87
C THR A 214 34.74 7.57 -5.66
N LEU A 215 35.10 6.96 -4.53
CA LEU A 215 34.36 7.10 -3.29
C LEU A 215 34.66 8.39 -2.56
N LYS A 216 35.89 8.92 -2.68
CA LYS A 216 36.20 10.19 -2.05
C LYS A 216 35.37 11.33 -2.64
N GLU A 217 35.19 11.33 -3.95
CA GLU A 217 34.35 12.33 -4.58
C GLU A 217 32.92 12.22 -4.11
N ILE A 218 32.41 11.00 -3.96
CA ILE A 218 31.04 10.79 -3.49
C ILE A 218 30.89 11.31 -2.07
N ARG A 219 31.87 11.01 -1.21
CA ARG A 219 31.79 11.50 0.17
C ARG A 219 31.84 13.02 0.23
N LYS A 220 32.70 13.64 -0.58
CA LYS A 220 32.76 15.10 -0.61
C LYS A 220 31.44 15.69 -1.09
N ARG A 221 30.82 15.07 -2.10
CA ARG A 221 29.52 15.53 -2.58
C ARG A 221 28.48 15.43 -1.48
N VAL A 222 28.49 14.32 -0.74
CA VAL A 222 27.53 14.15 0.36
C VAL A 222 27.73 15.24 1.39
N GLN A 223 28.99 15.63 1.63
CA GLN A 223 29.26 16.65 2.64
C GLN A 223 28.91 18.07 2.18
N VAL A 224 28.95 18.34 0.88
CA VAL A 224 28.76 19.73 0.39
C VAL A 224 27.47 19.89 -0.42
N ALA A 225 26.58 18.90 -0.41
CA ALA A 225 25.33 19.02 -1.16
C ALA A 225 24.49 20.21 -0.72
N GLY A 226 24.51 20.53 0.57
CA GLY A 226 23.70 21.65 1.06
C GLY A 226 24.13 22.97 0.46
N THR A 227 25.44 23.24 0.47
CA THR A 227 25.96 24.45 -0.16
C THR A 227 25.72 24.42 -1.67
N GLU A 228 25.79 23.24 -2.29
CA GLU A 228 25.47 23.14 -3.71
C GLU A 228 24.05 23.63 -3.98
N VAL A 229 23.09 23.16 -3.18
CA VAL A 229 21.70 23.57 -3.38
C VAL A 229 21.51 25.06 -3.12
N VAL A 230 22.13 25.57 -2.05
CA VAL A 230 21.98 26.99 -1.71
C VAL A 230 22.52 27.86 -2.84
N LYS A 231 23.68 27.50 -3.39
CA LYS A 231 24.25 28.27 -4.50
C LYS A 231 23.39 28.15 -5.76
N ALA A 232 22.81 26.98 -6.01
CA ALA A 232 21.96 26.82 -7.18
C ALA A 232 20.70 27.68 -7.12
N LYS A 233 20.31 28.13 -5.93
CA LYS A 233 19.16 28.98 -5.74
C LYS A 233 19.49 30.46 -5.90
N ALA A 234 20.66 30.78 -6.45
CA ALA A 234 21.13 32.16 -6.64
C ALA A 234 21.21 32.91 -5.32
N GLY A 235 21.53 32.20 -4.23
CA GLY A 235 21.67 32.84 -2.93
C GLY A 235 20.40 33.47 -2.41
N ARG A 236 19.25 32.88 -2.70
CA ARG A 236 17.96 33.42 -2.26
C ARG A 236 17.37 32.65 -1.10
N GLY A 237 17.45 31.32 -1.11
CA GLY A 237 16.87 30.52 -0.05
C GLY A 237 17.69 29.30 0.32
N SER A 238 17.03 28.17 0.55
CA SER A 238 17.70 26.94 0.95
C SER A 238 16.87 25.76 0.45
N ALA A 239 17.16 24.59 0.99
CA ALA A 239 16.41 23.38 0.65
C ALA A 239 15.22 23.25 1.59
N THR A 240 14.02 23.22 1.02
CA THR A 240 12.79 23.11 1.80
C THR A 240 11.96 21.89 1.44
N LEU A 241 11.87 21.55 0.15
CA LEU A 241 11.13 20.36 -0.23
C LEU A 241 11.82 19.08 0.24
N SER A 242 13.15 19.07 0.20
CA SER A 242 13.91 17.91 0.64
C SER A 242 13.94 17.79 2.16
N MET A 243 14.01 18.92 2.86
CA MET A 243 14.05 18.89 4.31
C MET A 243 12.72 18.48 4.90
N ALA A 244 11.61 18.73 4.20
CA ALA A 244 10.29 18.33 4.68
C ALA A 244 9.98 16.87 4.42
N GLU A 245 10.72 16.20 3.55
CA GLU A 245 10.49 14.78 3.31
C GLU A 245 11.07 13.93 4.43
N ALA A 246 12.20 14.33 4.99
CA ALA A 246 12.84 13.53 6.04
C ALA A 246 12.08 13.60 7.35
N GLY A 247 11.65 14.81 7.73
CA GLY A 247 10.95 14.97 9.00
C GLY A 247 9.66 14.17 9.06
N ALA A 248 8.93 14.12 7.95
CA ALA A 248 7.69 13.35 7.91
C ALA A 248 7.97 11.87 8.11
N ARG A 249 9.02 11.33 7.47
CA ARG A 249 9.35 9.92 7.63
C ARG A 249 9.76 9.60 9.07
N PHE A 250 10.60 10.46 9.66
CA PHE A 250 11.02 10.20 11.03
C PHE A 250 9.85 10.27 12.00
N THR A 251 8.95 11.24 11.80
CA THR A 251 7.76 11.35 12.66
C THR A 251 6.85 10.14 12.48
N MET A 252 6.70 9.65 11.25
CA MET A 252 5.91 8.44 11.04
C MET A 252 6.50 7.25 11.76
N HIS A 253 7.83 7.10 11.70
CA HIS A 253 8.48 6.01 12.42
C HIS A 253 8.22 6.12 13.91
N VAL A 254 8.38 7.32 14.47
CA VAL A 254 8.21 7.50 15.91
C VAL A 254 6.79 7.17 16.32
N VAL A 255 5.79 7.66 15.58
CA VAL A 255 4.41 7.44 15.98
C VAL A 255 4.01 5.99 15.84
N LYS A 256 4.46 5.32 14.77
CA LYS A 256 4.11 3.91 14.61
C LYS A 256 4.78 3.03 15.65
N ALA A 257 6.00 3.37 16.06
CA ALA A 257 6.61 2.64 17.16
C ALA A 257 5.89 2.90 18.48
N LEU A 258 5.50 4.15 18.73
CA LEU A 258 4.81 4.49 19.97
C LEU A 258 3.49 3.75 20.08
N MET A 259 2.72 3.71 18.99
CA MET A 259 1.41 3.06 19.02
C MET A 259 1.50 1.56 19.18
N GLY A 260 2.68 0.96 19.00
CA GLY A 260 2.86 -0.46 19.13
C GLY A 260 2.82 -1.26 17.84
N LEU A 261 2.81 -0.59 16.70
CA LEU A 261 2.65 -1.26 15.41
C LEU A 261 3.96 -1.58 14.71
N ASP A 262 5.11 -1.26 15.31
CA ASP A 262 6.39 -1.57 14.70
C ASP A 262 7.51 -1.34 15.70
N THR A 263 8.66 -1.95 15.43
CA THR A 263 9.90 -1.68 16.15
C THR A 263 11.03 -1.54 15.14
N PRO A 264 11.23 -0.35 14.59
CA PRO A 264 12.20 -0.16 13.53
C PRO A 264 13.59 0.23 14.07
N MET A 265 14.57 0.13 13.18
CA MET A 265 15.94 0.54 13.46
C MET A 265 16.24 1.79 12.64
N VAL A 266 16.68 2.85 13.32
CA VAL A 266 16.91 4.15 12.70
C VAL A 266 18.26 4.69 13.15
N TYR A 267 18.75 5.67 12.41
CA TYR A 267 19.94 6.43 12.78
C TYR A 267 19.49 7.84 13.15
N ALA A 268 19.86 8.27 14.36
CA ALA A 268 19.41 9.58 14.83
C ALA A 268 20.44 10.15 15.78
N TYR A 269 20.40 11.47 15.94
CA TYR A 269 21.31 12.19 16.82
C TYR A 269 20.77 12.11 18.24
N VAL A 270 21.00 10.96 18.87
CA VAL A 270 20.43 10.65 20.17
C VAL A 270 21.52 10.79 21.24
N ASP A 271 21.08 10.79 22.49
CA ASP A 271 22.00 10.72 23.62
C ASP A 271 22.58 9.31 23.73
N THR A 272 23.76 9.23 24.34
CA THR A 272 24.40 7.94 24.60
C THR A 272 24.89 7.94 26.04
N ASP A 273 24.56 6.87 26.77
CA ASP A 273 25.06 6.70 28.12
C ASP A 273 26.06 5.54 28.13
N GLY A 274 27.28 5.83 28.55
CA GLY A 274 28.35 4.85 28.35
C GLY A 274 28.76 4.87 26.89
N GLU A 275 28.96 3.69 26.32
CA GLU A 275 29.33 3.55 24.92
C GLU A 275 30.49 4.45 24.52
N HIS A 276 30.24 5.35 23.57
CA HIS A 276 31.26 6.27 23.10
C HIS A 276 31.58 7.31 24.17
N GLU A 277 32.77 7.90 24.05
CA GLU A 277 33.15 8.97 24.97
C GLU A 277 32.42 10.27 24.64
N CYS A 278 32.05 10.48 23.38
CA CYS A 278 31.33 11.68 23.01
C CYS A 278 29.90 11.60 23.54
N PRO A 279 29.44 12.60 24.30
CA PRO A 279 28.13 12.46 24.97
C PRO A 279 26.95 12.38 24.02
N PHE A 280 27.04 12.96 22.83
CA PHE A 280 25.86 13.13 21.98
C PHE A 280 26.15 12.73 20.54
N LEU A 281 26.72 11.56 20.34
CA LEU A 281 26.99 11.09 18.98
C LEU A 281 25.68 10.65 18.31
N ALA A 282 25.78 10.21 17.05
CA ALA A 282 24.64 9.71 16.28
C ALA A 282 24.92 8.27 15.89
N MET A 283 24.18 7.35 16.48
CA MET A 283 24.41 5.91 16.30
C MET A 283 23.08 5.23 16.06
N PRO A 284 23.10 4.02 15.48
CA PRO A 284 21.84 3.29 15.28
C PRO A 284 21.17 2.93 16.59
N VAL A 285 19.84 2.99 16.60
CA VAL A 285 19.02 2.67 17.76
C VAL A 285 17.81 1.87 17.30
N VAL A 286 17.08 1.32 18.26
CA VAL A 286 15.82 0.62 18.02
C VAL A 286 14.74 1.29 18.86
N LEU A 287 13.63 1.65 18.23
CA LEU A 287 12.55 2.39 18.87
C LEU A 287 11.45 1.45 19.35
N GLY A 288 10.83 1.82 20.47
CA GLY A 288 9.79 1.00 21.05
C GLY A 288 8.68 1.79 21.72
N LYS A 289 7.90 1.13 22.57
CA LYS A 289 6.75 1.77 23.20
C LYS A 289 7.15 2.87 24.19
N ASN A 290 8.40 2.87 24.64
CA ASN A 290 8.87 3.87 25.60
C ASN A 290 9.96 4.77 25.00
N GLY A 291 10.01 4.90 23.68
CA GLY A 291 11.04 5.68 23.03
C GLY A 291 12.18 4.80 22.56
N ILE A 292 13.40 5.10 22.99
CA ILE A 292 14.54 4.25 22.68
C ILE A 292 14.55 3.07 23.64
N GLU A 293 14.93 1.89 23.13
CA GLU A 293 15.00 0.71 23.97
C GLU A 293 16.31 -0.07 23.85
N ARG A 294 17.10 0.13 22.79
CA ARG A 294 18.35 -0.62 22.63
C ARG A 294 19.26 0.16 21.70
N ARG A 295 20.42 0.57 22.20
CA ARG A 295 21.44 1.23 21.41
C ARG A 295 22.46 0.19 20.96
N LEU A 296 22.85 0.25 19.68
CA LEU A 296 23.69 -0.77 19.08
C LEU A 296 25.08 -0.24 18.80
N PRO A 297 26.09 -1.10 18.78
CA PRO A 297 27.44 -0.67 18.42
C PRO A 297 27.52 -0.28 16.95
N ILE A 298 28.51 0.57 16.63
CA ILE A 298 28.64 1.10 15.29
C ILE A 298 28.93 -0.01 14.29
N GLY A 299 29.89 -0.87 14.62
CA GLY A 299 30.21 -2.00 13.77
C GLY A 299 31.62 -1.99 13.23
N PRO A 300 31.93 -2.92 12.32
CA PRO A 300 33.28 -3.00 11.75
C PRO A 300 33.45 -1.99 10.62
N ILE A 301 34.52 -1.20 10.71
CA ILE A 301 34.83 -0.19 9.70
C ILE A 301 36.25 -0.39 9.22
N THR A 302 36.54 0.13 8.03
CA THR A 302 37.85 0.01 7.42
C THR A 302 38.75 1.15 7.90
N THR A 303 39.97 1.21 7.35
CA THR A 303 40.94 2.19 7.79
C THR A 303 40.59 3.60 7.33
N VAL A 304 40.16 3.75 6.07
CA VAL A 304 39.84 5.07 5.55
C VAL A 304 38.65 5.68 6.28
N GLU A 305 37.65 4.87 6.59
CA GLU A 305 36.53 5.35 7.41
C GLU A 305 36.96 5.65 8.83
N LYS A 306 37.96 4.93 9.34
CA LYS A 306 38.44 5.20 10.70
C LYS A 306 39.06 6.58 10.80
N GLU A 307 39.83 6.99 9.79
CA GLU A 307 40.48 8.30 9.84
C GLU A 307 39.44 9.41 9.87
N MET A 308 38.35 9.25 9.12
CA MET A 308 37.29 10.26 9.13
C MET A 308 36.63 10.36 10.49
N LEU A 309 36.46 9.22 11.18
CA LEU A 309 35.69 9.19 12.42
C LEU A 309 36.35 10.01 13.53
N GLU A 310 37.66 9.87 13.71
CA GLU A 310 38.34 10.62 14.75
C GLU A 310 38.32 12.12 14.47
N GLU A 311 38.39 12.50 13.20
CA GLU A 311 38.23 13.91 12.87
C GLU A 311 36.79 14.38 13.06
N ALA A 312 35.83 13.50 12.77
CA ALA A 312 34.42 13.85 12.98
C ALA A 312 34.12 14.08 14.45
N VAL A 313 34.66 13.23 15.32
CA VAL A 313 34.36 13.31 16.75
C VAL A 313 34.92 14.59 17.35
N GLY A 314 36.10 15.03 16.89
CA GLY A 314 36.72 16.21 17.45
C GLY A 314 35.86 17.45 17.29
N VAL A 315 35.25 17.62 16.11
CA VAL A 315 34.40 18.78 15.87
C VAL A 315 33.12 18.69 16.68
N VAL A 316 32.57 17.48 16.82
CA VAL A 316 31.33 17.31 17.58
C VAL A 316 31.55 17.65 19.05
N LYS A 317 32.74 17.33 19.57
CA LYS A 317 33.04 17.62 20.97
C LYS A 317 32.97 19.12 21.24
N LYS A 318 33.53 19.94 20.35
CA LYS A 318 33.47 21.38 20.55
C LYS A 318 32.10 21.96 20.22
N ASN A 319 31.33 21.27 19.37
CA ASN A 319 29.96 21.71 19.10
C ASN A 319 29.08 21.57 20.33
N ILE A 320 29.23 20.46 21.06
CA ILE A 320 28.39 20.20 22.23
C ILE A 320 28.62 21.26 23.30
N ALA A 321 29.89 21.61 23.54
CA ALA A 321 30.21 22.53 24.62
C ALA A 321 29.60 23.91 24.40
N LYS A 322 29.53 24.35 23.15
CA LYS A 322 28.94 25.66 22.86
C LYS A 322 27.47 25.68 23.24
N GLY A 323 26.73 24.61 22.91
CA GLY A 323 25.32 24.56 23.26
C GLY A 323 25.09 24.52 24.75
N GLU A 324 25.90 23.73 25.47
CA GLU A 324 25.78 23.69 26.92
C GLU A 324 26.17 25.03 27.55
N THR A 325 27.19 25.68 27.00
CA THR A 325 27.59 26.99 27.52
C THR A 325 26.52 28.05 27.27
N PHE A 326 25.74 27.89 26.19
CA PHE A 326 24.70 28.86 25.87
C PHE A 326 23.64 28.90 26.97
N ALA A 327 23.25 27.74 27.48
CA ALA A 327 22.26 27.67 28.54
C ALA A 327 22.82 28.21 29.86
N MET B 9 -2.23 -7.30 20.92
CA MET B 9 -3.39 -6.47 21.25
C MET B 9 -4.68 -7.14 20.78
N VAL B 10 -4.59 -8.00 19.78
CA VAL B 10 -5.75 -8.76 19.31
C VAL B 10 -5.36 -10.22 19.22
N ASN B 11 -6.29 -11.11 19.57
CA ASN B 11 -6.08 -12.55 19.51
C ASN B 11 -7.23 -13.15 18.70
N VAL B 12 -6.89 -13.83 17.61
CA VAL B 12 -7.88 -14.40 16.70
C VAL B 12 -7.72 -15.91 16.70
N ALA B 13 -8.82 -16.62 16.92
CA ALA B 13 -8.82 -18.08 16.97
C ALA B 13 -9.62 -18.65 15.82
N VAL B 14 -9.09 -19.70 15.21
CA VAL B 14 -9.75 -20.41 14.12
C VAL B 14 -10.08 -21.82 14.59
N ILE B 15 -11.34 -22.20 14.48
CA ILE B 15 -11.82 -23.49 14.94
C ILE B 15 -12.06 -24.35 13.71
N GLY B 16 -11.28 -25.43 13.58
CA GLY B 16 -11.34 -26.27 12.40
C GLY B 16 -10.37 -25.83 11.32
N ALA B 17 -9.12 -25.61 11.72
CA ALA B 17 -8.12 -24.98 10.88
C ALA B 17 -7.40 -25.94 9.95
N ALA B 18 -7.61 -27.24 10.07
CA ALA B 18 -6.94 -28.23 9.23
C ALA B 18 -7.78 -28.70 8.06
N GLY B 19 -8.96 -28.11 7.84
CA GLY B 19 -9.79 -28.45 6.72
C GLY B 19 -9.37 -27.73 5.46
N GLY B 20 -10.18 -27.90 4.42
CA GLY B 20 -9.91 -27.19 3.18
C GLY B 20 -10.05 -25.69 3.32
N ILE B 21 -11.15 -25.25 3.93
CA ILE B 21 -11.37 -23.81 4.10
C ILE B 21 -10.41 -23.24 5.15
N GLY B 22 -10.22 -23.96 6.25
CA GLY B 22 -9.44 -23.41 7.36
C GLY B 22 -7.97 -23.19 7.00
N GLN B 23 -7.40 -24.08 6.19
CA GLN B 23 -6.00 -23.96 5.83
C GLN B 23 -5.73 -22.70 5.02
N SER B 24 -6.58 -22.43 4.02
CA SER B 24 -6.38 -21.25 3.19
C SER B 24 -6.73 -19.97 3.92
N LEU B 25 -7.77 -20.01 4.76
CA LEU B 25 -8.12 -18.84 5.56
C LEU B 25 -7.00 -18.47 6.52
N SER B 26 -6.34 -19.48 7.11
CA SER B 26 -5.26 -19.21 8.04
C SER B 26 -4.05 -18.59 7.34
N LEU B 27 -3.74 -19.03 6.13
CA LEU B 27 -2.60 -18.48 5.41
C LEU B 27 -2.80 -17.02 5.06
N LEU B 28 -4.02 -16.67 4.61
CA LEU B 28 -4.30 -15.28 4.26
C LEU B 28 -4.33 -14.39 5.49
N LEU B 29 -4.80 -14.90 6.63
CA LEU B 29 -4.83 -14.11 7.84
C LEU B 29 -3.43 -13.77 8.33
N LEU B 30 -2.47 -14.68 8.14
CA LEU B 30 -1.11 -14.44 8.59
C LEU B 30 -0.46 -13.28 7.85
N ARG B 31 -0.77 -13.14 6.55
CA ARG B 31 -0.13 -12.13 5.72
C ARG B 31 -0.73 -10.74 5.92
N GLU B 32 -1.87 -10.61 6.60
CA GLU B 32 -2.56 -9.34 6.71
C GLU B 32 -2.78 -8.85 8.13
N LEU B 33 -2.55 -9.69 9.13
CA LEU B 33 -2.78 -9.28 10.50
C LEU B 33 -1.82 -8.17 10.89
N PRO B 34 -2.25 -7.24 11.74
CA PRO B 34 -1.35 -6.16 12.17
C PRO B 34 -0.20 -6.68 13.01
N PHE B 35 0.87 -5.89 13.02
CA PHE B 35 2.06 -6.21 13.81
C PHE B 35 1.71 -6.32 15.29
N GLY B 36 2.27 -7.31 15.95
CA GLY B 36 2.06 -7.50 17.38
C GLY B 36 0.83 -8.29 17.76
N SER B 37 0.15 -8.92 16.80
CA SER B 37 -1.03 -9.71 17.09
C SER B 37 -0.63 -11.14 17.44
N THR B 38 -1.61 -12.04 17.49
CA THR B 38 -1.35 -13.44 17.78
C THR B 38 -2.44 -14.31 17.18
N LEU B 39 -2.07 -15.49 16.73
CA LEU B 39 -2.97 -16.45 16.12
C LEU B 39 -3.24 -17.61 17.09
N SER B 40 -4.21 -18.44 16.72
CA SER B 40 -4.58 -19.59 17.53
C SER B 40 -5.35 -20.56 16.65
N LEU B 41 -4.94 -21.83 16.63
CA LEU B 41 -5.56 -22.82 15.79
C LEU B 41 -6.00 -24.01 16.63
N TYR B 42 -7.09 -24.66 16.20
CA TYR B 42 -7.61 -25.84 16.87
C TYR B 42 -8.27 -26.75 15.85
N ASP B 43 -8.00 -28.04 15.95
CA ASP B 43 -8.72 -29.03 15.17
C ASP B 43 -8.49 -30.40 15.79
N VAL B 44 -9.41 -31.32 15.49
CA VAL B 44 -9.31 -32.66 16.04
C VAL B 44 -8.15 -33.43 15.43
N VAL B 45 -7.92 -33.27 14.13
CA VAL B 45 -6.86 -33.98 13.43
C VAL B 45 -6.15 -33.02 12.49
N GLY B 46 -4.82 -32.97 12.59
CA GLY B 46 -4.01 -32.19 11.68
C GLY B 46 -3.54 -30.85 12.19
N ALA B 47 -3.95 -30.45 13.38
CA ALA B 47 -3.51 -29.16 13.92
C ALA B 47 -2.00 -29.07 14.09
N PRO B 48 -1.30 -30.06 14.66
CA PRO B 48 0.16 -29.92 14.78
C PRO B 48 0.89 -29.77 13.45
N GLY B 49 0.42 -30.45 12.40
CA GLY B 49 1.09 -30.33 11.12
C GLY B 49 0.96 -28.94 10.51
N VAL B 50 -0.24 -28.36 10.59
CA VAL B 50 -0.46 -27.02 10.05
C VAL B 50 0.26 -25.97 10.90
N ALA B 51 0.25 -26.15 12.22
CA ALA B 51 0.84 -25.16 13.11
C ALA B 51 2.33 -24.99 12.85
N ALA B 52 3.06 -26.10 12.68
CA ALA B 52 4.48 -26.02 12.39
C ALA B 52 4.74 -26.01 10.89
N ASP B 53 3.99 -25.18 10.20
CA ASP B 53 4.17 -24.82 8.80
C ASP B 53 4.14 -23.32 8.60
N LEU B 54 3.31 -22.61 9.34
CA LEU B 54 3.29 -21.16 9.32
C LEU B 54 4.32 -20.55 10.25
N SER B 55 4.94 -21.35 11.11
CA SER B 55 5.98 -20.85 12.00
C SER B 55 7.30 -20.62 11.28
N HIS B 56 7.42 -21.04 10.02
CA HIS B 56 8.63 -20.85 9.24
C HIS B 56 8.59 -19.60 8.40
N ILE B 57 7.41 -19.18 7.93
CA ILE B 57 7.28 -17.92 7.20
C ILE B 57 7.61 -16.77 8.15
N ASP B 58 8.41 -15.83 7.67
CA ASP B 58 9.02 -14.83 8.55
C ASP B 58 7.98 -13.97 9.25
N ARG B 59 7.28 -13.11 8.51
CA ARG B 59 6.16 -12.32 9.02
C ARG B 59 6.43 -11.80 10.43
N ALA B 60 7.47 -10.97 10.53
CA ALA B 60 7.93 -10.51 11.84
C ALA B 60 6.82 -9.83 12.62
N GLY B 61 6.67 -10.22 13.88
CA GLY B 61 5.68 -9.65 14.76
C GLY B 61 4.41 -10.44 14.97
N ILE B 62 4.34 -11.67 14.46
CA ILE B 62 3.16 -12.51 14.60
C ILE B 62 3.57 -13.79 15.31
N THR B 63 2.82 -14.17 16.34
CA THR B 63 3.05 -15.39 17.10
C THR B 63 1.91 -16.37 16.86
N VAL B 64 2.24 -17.65 16.82
CA VAL B 64 1.28 -18.72 16.50
C VAL B 64 1.16 -19.63 17.70
N LYS B 65 -0.07 -19.82 18.18
CA LYS B 65 -0.38 -20.77 19.25
C LYS B 65 -1.02 -22.01 18.65
N HIS B 66 -1.18 -23.03 19.49
CA HIS B 66 -1.51 -24.35 18.98
C HIS B 66 -2.15 -25.19 20.07
N ALA B 67 -3.19 -25.93 19.72
CA ALA B 67 -3.87 -26.84 20.62
C ALA B 67 -4.30 -28.07 19.85
N ALA B 68 -3.87 -29.25 20.31
CA ALA B 68 -4.13 -30.49 19.60
C ALA B 68 -5.55 -30.98 19.87
N GLY B 69 -5.99 -31.91 19.03
CA GLY B 69 -7.33 -32.45 19.10
C GLY B 69 -7.44 -33.67 19.98
N LYS B 70 -8.35 -34.57 19.62
CA LYS B 70 -8.62 -35.75 20.42
C LYS B 70 -9.19 -36.85 19.53
N LEU B 71 -8.98 -38.10 19.94
CA LEU B 71 -9.68 -39.23 19.36
C LEU B 71 -11.19 -38.97 19.45
N PRO B 72 -12.01 -39.69 18.67
CA PRO B 72 -13.34 -39.18 18.26
C PRO B 72 -14.01 -38.34 19.33
N PRO B 73 -14.51 -37.16 18.96
CA PRO B 73 -14.63 -36.06 19.92
C PRO B 73 -15.52 -36.38 21.10
N VAL B 74 -15.16 -35.81 22.25
CA VAL B 74 -15.96 -35.87 23.46
C VAL B 74 -16.51 -34.48 23.74
N PRO B 75 -17.67 -34.36 24.37
CA PRO B 75 -18.21 -33.02 24.68
C PRO B 75 -17.26 -32.24 25.58
N ARG B 76 -17.17 -30.94 25.34
CA ARG B 76 -16.36 -30.03 26.13
C ARG B 76 -14.92 -30.53 26.26
N ASP B 77 -14.25 -30.59 25.11
CA ASP B 77 -12.92 -31.17 25.05
C ASP B 77 -11.96 -30.37 25.93
N PRO B 78 -11.14 -31.02 26.75
CA PRO B 78 -10.28 -30.27 27.70
C PRO B 78 -9.29 -29.35 27.02
N ALA B 79 -8.75 -29.72 25.86
CA ALA B 79 -7.70 -28.93 25.23
C ALA B 79 -8.20 -27.55 24.83
N LEU B 80 -9.42 -27.48 24.29
CA LEU B 80 -9.99 -26.20 23.86
C LEU B 80 -10.21 -25.25 25.03
N THR B 81 -10.32 -25.77 26.25
CA THR B 81 -10.62 -24.92 27.40
C THR B 81 -9.47 -23.96 27.71
N GLU B 82 -8.23 -24.42 27.57
CA GLU B 82 -7.09 -23.54 27.81
C GLU B 82 -6.69 -22.71 26.59
N LEU B 83 -7.14 -23.09 25.39
CA LEU B 83 -6.85 -22.29 24.21
C LEU B 83 -7.67 -21.01 24.17
N ALA B 84 -8.84 -21.00 24.79
CA ALA B 84 -9.79 -19.90 24.65
C ALA B 84 -9.56 -18.78 25.65
N GLU B 85 -8.48 -18.83 26.43
CA GLU B 85 -8.17 -17.75 27.36
C GLU B 85 -7.76 -16.50 26.59
N GLY B 86 -8.46 -15.39 26.85
CA GLY B 86 -8.08 -14.12 26.25
C GLY B 86 -8.14 -14.07 24.74
N VAL B 87 -9.22 -14.58 24.15
CA VAL B 87 -9.44 -14.55 22.71
C VAL B 87 -10.49 -13.50 22.41
N ASP B 88 -10.25 -12.70 21.37
CA ASP B 88 -11.13 -11.60 21.02
C ASP B 88 -12.12 -11.92 19.90
N VAL B 89 -11.75 -12.76 18.94
CA VAL B 89 -12.62 -13.11 17.83
C VAL B 89 -12.57 -14.62 17.63
N PHE B 90 -13.73 -15.22 17.40
CA PHE B 90 -13.86 -16.64 17.09
C PHE B 90 -14.39 -16.80 15.69
N VAL B 91 -13.66 -17.51 14.84
CA VAL B 91 -14.08 -17.82 13.49
C VAL B 91 -14.50 -19.29 13.47
N ILE B 92 -15.80 -19.54 13.61
CA ILE B 92 -16.31 -20.90 13.72
C ILE B 92 -16.51 -21.42 12.29
N VAL B 93 -15.51 -22.12 11.78
CA VAL B 93 -15.58 -22.73 10.46
C VAL B 93 -15.25 -24.22 10.63
N ALA B 94 -16.29 -25.02 10.84
CA ALA B 94 -16.10 -26.45 11.02
C ALA B 94 -17.34 -27.18 10.49
N GLY B 95 -17.11 -28.37 9.98
CA GLY B 95 -18.18 -29.18 9.44
C GLY B 95 -17.67 -30.02 8.29
N VAL B 96 -18.62 -30.64 7.61
CA VAL B 96 -18.29 -31.51 6.47
C VAL B 96 -18.10 -30.68 5.22
N PHE B 108 -27.34 -30.83 7.71
CA PHE B 108 -27.78 -29.89 8.73
C PHE B 108 -27.78 -30.55 10.11
N ASN B 109 -28.19 -31.81 10.17
CA ASN B 109 -28.28 -32.51 11.44
C ASN B 109 -26.91 -32.67 12.09
N VAL B 110 -25.92 -33.09 11.30
CA VAL B 110 -24.58 -33.27 11.84
C VAL B 110 -23.94 -31.93 12.14
N ASN B 111 -24.12 -30.95 11.26
CA ASN B 111 -23.48 -29.66 11.44
C ASN B 111 -24.08 -28.88 12.61
N ALA B 112 -25.36 -29.10 12.90
CA ALA B 112 -26.00 -28.38 14.01
C ALA B 112 -25.38 -28.77 15.35
N GLY B 113 -25.08 -30.05 15.55
CA GLY B 113 -24.48 -30.47 16.79
C GLY B 113 -23.08 -29.93 16.99
N ILE B 114 -22.30 -29.85 15.91
CA ILE B 114 -20.93 -29.35 16.00
C ILE B 114 -20.92 -27.89 16.41
N VAL B 115 -21.81 -27.08 15.84
CA VAL B 115 -21.85 -25.66 16.18
C VAL B 115 -22.25 -25.49 17.65
N MET B 116 -23.26 -26.21 18.10
CA MET B 116 -23.72 -26.09 19.48
C MET B 116 -22.64 -26.53 20.46
N ASP B 117 -21.87 -27.55 20.09
CA ASP B 117 -20.82 -28.05 20.97
C ASP B 117 -19.72 -27.01 21.15
N LEU B 118 -19.29 -26.39 20.05
CA LEU B 118 -18.15 -25.48 20.09
C LEU B 118 -18.47 -24.19 20.84
N VAL B 119 -19.64 -23.61 20.57
CA VAL B 119 -19.99 -22.33 21.17
C VAL B 119 -20.09 -22.44 22.68
N LEU B 120 -20.57 -23.58 23.19
CA LEU B 120 -20.68 -23.77 24.63
C LEU B 120 -19.31 -23.75 25.29
N THR B 121 -18.33 -24.44 24.71
CA THR B 121 -16.99 -24.49 25.30
C THR B 121 -16.28 -23.15 25.20
N CYS B 122 -16.41 -22.47 24.06
CA CYS B 122 -15.68 -21.23 23.85
C CYS B 122 -16.26 -20.10 24.69
N ALA B 123 -17.59 -19.97 24.71
CA ALA B 123 -18.23 -18.87 25.44
C ALA B 123 -18.16 -19.04 26.94
N SER B 124 -17.85 -20.24 27.44
CA SER B 124 -17.77 -20.43 28.88
C SER B 124 -16.53 -19.78 29.47
N VAL B 125 -15.40 -19.81 28.76
CA VAL B 125 -14.17 -19.20 29.26
C VAL B 125 -14.13 -17.70 28.97
N SER B 126 -14.36 -17.32 27.71
CA SER B 126 -14.37 -15.91 27.31
C SER B 126 -15.79 -15.53 26.91
N PRO B 127 -16.53 -14.81 27.75
CA PRO B 127 -17.92 -14.46 27.43
C PRO B 127 -18.12 -13.10 26.77
N ASN B 128 -17.08 -12.27 26.65
CA ASN B 128 -17.21 -10.96 26.05
C ASN B 128 -16.56 -10.88 24.66
N ALA B 129 -16.34 -12.02 24.02
CA ALA B 129 -15.71 -12.05 22.71
C ALA B 129 -16.75 -11.94 21.60
N CYS B 130 -16.27 -11.86 20.37
CA CYS B 130 -17.12 -11.74 19.19
C CYS B 130 -17.08 -13.02 18.37
N PHE B 131 -18.20 -13.34 17.73
CA PHE B 131 -18.37 -14.58 17.01
C PHE B 131 -18.70 -14.30 15.55
N CYS B 132 -18.06 -15.05 14.65
CA CYS B 132 -18.35 -15.00 13.23
C CYS B 132 -18.62 -16.42 12.76
N ILE B 133 -19.76 -16.64 12.12
CA ILE B 133 -20.21 -17.97 11.73
C ILE B 133 -19.94 -18.15 10.24
N VAL B 134 -19.20 -19.20 9.89
CA VAL B 134 -18.83 -19.48 8.51
C VAL B 134 -19.34 -20.84 8.05
N THR B 135 -19.97 -21.61 8.92
CA THR B 135 -20.51 -22.92 8.53
C THR B 135 -21.61 -22.75 7.49
N ASN B 136 -21.83 -23.82 6.70
CA ASN B 136 -22.53 -23.68 5.43
C ASN B 136 -23.96 -23.15 5.56
N PRO B 137 -24.85 -23.75 6.38
CA PRO B 137 -26.22 -23.20 6.41
C PRO B 137 -26.36 -22.01 7.37
N VAL B 138 -25.86 -20.86 6.93
CA VAL B 138 -25.79 -19.68 7.78
C VAL B 138 -27.17 -19.26 8.25
N ASN B 139 -28.21 -19.53 7.46
CA ASN B 139 -29.56 -19.12 7.83
C ASN B 139 -30.04 -19.80 9.11
N SER B 140 -29.58 -21.01 9.38
CA SER B 140 -30.06 -21.80 10.50
C SER B 140 -29.08 -21.89 11.66
N THR B 141 -27.77 -21.93 11.39
CA THR B 141 -26.81 -22.02 12.48
C THR B 141 -26.59 -20.69 13.20
N THR B 142 -26.85 -19.56 12.54
CA THR B 142 -26.76 -18.29 13.24
C THR B 142 -27.80 -18.16 14.34
N PRO B 143 -29.09 -18.43 14.11
CA PRO B 143 -30.04 -18.41 15.24
C PRO B 143 -29.76 -19.47 16.28
N ILE B 144 -29.18 -20.61 15.88
CA ILE B 144 -28.85 -21.66 16.83
C ILE B 144 -27.85 -21.15 17.86
N ALA B 145 -26.82 -20.43 17.40
CA ALA B 145 -25.82 -19.89 18.29
C ALA B 145 -26.41 -18.89 19.28
N ALA B 146 -27.53 -18.26 18.94
CA ALA B 146 -28.17 -17.34 19.86
C ALA B 146 -28.79 -18.08 21.05
N GLN B 147 -29.38 -19.25 20.80
CA GLN B 147 -29.97 -20.02 21.89
C GLN B 147 -28.93 -20.51 22.88
N THR B 148 -27.78 -20.97 22.39
CA THR B 148 -26.75 -21.49 23.27
C THR B 148 -26.25 -20.42 24.23
N LEU B 149 -26.07 -19.19 23.73
CA LEU B 149 -25.61 -18.10 24.58
C LEU B 149 -26.68 -17.65 25.56
N ARG B 150 -27.95 -17.94 25.29
CA ARG B 150 -29.01 -17.58 26.22
C ARG B 150 -29.03 -18.50 27.44
N LYS B 151 -28.77 -19.79 27.24
CA LYS B 151 -28.77 -20.73 28.35
C LYS B 151 -27.67 -20.40 29.35
N ILE B 152 -26.48 -20.05 28.85
CA ILE B 152 -25.37 -19.71 29.75
C ILE B 152 -25.69 -18.45 30.53
N GLY B 153 -26.40 -17.50 29.92
CA GLY B 153 -26.72 -16.24 30.55
C GLY B 153 -25.93 -15.05 30.05
N VAL B 154 -25.08 -15.23 29.03
CA VAL B 154 -24.33 -14.14 28.42
C VAL B 154 -24.67 -14.10 26.94
N TYR B 155 -25.16 -12.96 26.48
CA TYR B 155 -25.59 -12.84 25.09
C TYR B 155 -25.65 -11.37 24.71
N ASN B 156 -24.83 -10.98 23.74
CA ASN B 156 -24.87 -9.63 23.18
C ASN B 156 -25.29 -9.74 21.72
N LYS B 157 -26.36 -9.04 21.36
CA LYS B 157 -26.86 -9.09 19.99
C LYS B 157 -25.97 -8.32 19.03
N ASN B 158 -25.07 -7.48 19.53
CA ASN B 158 -24.16 -6.70 18.71
C ASN B 158 -22.83 -7.41 18.47
N LYS B 159 -22.69 -8.66 18.91
CA LYS B 159 -21.43 -9.38 18.78
C LYS B 159 -21.61 -10.76 18.15
N LEU B 160 -22.66 -10.96 17.38
CA LEU B 160 -22.88 -12.22 16.65
C LEU B 160 -23.20 -11.89 15.21
N LEU B 161 -22.31 -12.30 14.30
CA LEU B 161 -22.44 -11.96 12.89
C LEU B 161 -22.34 -13.21 12.05
N GLY B 162 -23.19 -13.32 11.03
CA GLY B 162 -23.09 -14.39 10.07
C GLY B 162 -22.47 -13.91 8.78
N VAL B 163 -21.37 -14.53 8.36
CA VAL B 163 -20.61 -14.05 7.21
C VAL B 163 -21.36 -14.41 5.94
N SER B 164 -21.68 -13.39 5.13
CA SER B 164 -22.37 -13.60 3.86
C SER B 164 -21.78 -12.73 2.75
N LEU B 165 -20.50 -12.34 2.86
CA LEU B 165 -19.88 -11.46 1.90
C LEU B 165 -19.61 -12.14 0.56
N LEU B 166 -19.72 -13.47 0.49
CA LEU B 166 -19.43 -14.18 -0.75
C LEU B 166 -20.39 -13.77 -1.86
N ASP B 167 -21.66 -13.58 -1.54
CA ASP B 167 -22.64 -13.20 -2.56
C ASP B 167 -22.34 -11.83 -3.15
N GLY B 168 -21.96 -10.87 -2.30
CA GLY B 168 -21.61 -9.55 -2.80
C GLY B 168 -20.42 -9.57 -3.73
N LEU B 169 -19.47 -10.47 -3.50
CA LEU B 169 -18.34 -10.62 -4.41
C LEU B 169 -18.78 -11.15 -5.77
N ARG B 170 -19.78 -12.04 -5.79
CA ARG B 170 -20.26 -12.57 -7.05
C ARG B 170 -21.10 -11.56 -7.82
N ALA B 171 -21.92 -10.78 -7.10
CA ALA B 171 -22.73 -9.77 -7.76
C ALA B 171 -21.87 -8.67 -8.37
N THR B 172 -20.83 -8.24 -7.64
CA THR B 172 -19.95 -7.20 -8.17
C THR B 172 -19.23 -7.66 -9.42
N ARG B 173 -18.72 -8.89 -9.42
CA ARG B 173 -17.97 -9.39 -10.57
C ARG B 173 -18.85 -9.50 -11.81
N PHE B 174 -20.11 -9.94 -11.63
CA PHE B 174 -20.95 -10.19 -12.79
C PHE B 174 -21.43 -8.91 -13.47
N ILE B 175 -21.43 -7.79 -12.78
CA ILE B 175 -21.85 -6.53 -13.39
C ILE B 175 -20.67 -5.79 -14.03
N ASN B 176 -19.46 -5.97 -13.51
CA ASN B 176 -18.31 -5.28 -14.08
C ASN B 176 -17.95 -5.84 -15.44
N ASN B 177 -18.21 -7.12 -15.68
CA ASN B 177 -17.92 -7.74 -16.97
C ASN B 177 -19.01 -7.49 -18.01
N ALA B 178 -20.09 -6.82 -17.62
CA ALA B 178 -21.14 -6.45 -18.55
C ALA B 178 -21.14 -4.98 -18.93
N ARG B 179 -20.49 -4.12 -18.14
CA ARG B 179 -20.44 -2.68 -18.38
C ARG B 179 -19.01 -2.19 -18.56
N HIS B 180 -18.14 -3.02 -19.12
CA HIS B 180 -16.75 -2.63 -19.31
C HIS B 180 -16.67 -1.50 -20.35
N PRO B 181 -15.83 -0.48 -20.10
CA PRO B 181 -14.91 -0.30 -18.99
C PRO B 181 -15.43 0.56 -17.84
N LEU B 182 -16.69 0.40 -17.43
CA LEU B 182 -17.21 1.06 -16.24
C LEU B 182 -17.12 0.09 -15.07
N VAL B 183 -16.42 0.50 -14.02
CA VAL B 183 -16.09 -0.37 -12.89
C VAL B 183 -16.62 0.24 -11.61
N VAL B 184 -17.37 -0.56 -10.85
CA VAL B 184 -17.89 -0.13 -9.55
C VAL B 184 -17.22 -0.98 -8.47
N PRO B 185 -16.97 -0.44 -7.28
CA PRO B 185 -16.32 -1.23 -6.23
C PRO B 185 -17.19 -2.35 -5.66
N TYR B 186 -18.42 -2.05 -5.27
CA TYR B 186 -19.25 -3.02 -4.56
C TYR B 186 -20.69 -2.96 -5.04
N VAL B 187 -21.49 -3.91 -4.58
CA VAL B 187 -22.91 -4.01 -4.93
C VAL B 187 -23.69 -4.42 -3.68
N PRO B 188 -24.78 -3.72 -3.35
CA PRO B 188 -25.57 -4.12 -2.17
C PRO B 188 -26.39 -5.38 -2.42
N VAL B 189 -26.37 -6.28 -1.44
CA VAL B 189 -27.17 -7.50 -1.46
C VAL B 189 -27.81 -7.67 -0.09
N VAL B 190 -29.12 -7.93 -0.08
CA VAL B 190 -29.88 -8.11 1.15
C VAL B 190 -30.66 -9.41 1.07
N GLY B 191 -31.40 -9.71 2.13
CA GLY B 191 -32.22 -10.90 2.18
C GLY B 191 -31.64 -12.03 3.03
N GLY B 192 -31.27 -13.13 2.38
CA GLY B 192 -30.68 -14.26 3.07
C GLY B 192 -29.41 -14.74 2.39
N HIS B 193 -29.03 -16.00 2.60
CA HIS B 193 -27.73 -16.45 2.11
C HIS B 193 -27.75 -17.90 1.61
N SER B 194 -28.88 -18.46 1.19
CA SER B 194 -28.92 -19.88 0.88
C SER B 194 -29.13 -20.20 -0.59
N ASP B 195 -30.32 -19.99 -1.14
CA ASP B 195 -30.51 -20.27 -2.56
C ASP B 195 -31.38 -19.24 -3.25
N VAL B 196 -32.44 -18.83 -2.57
CA VAL B 196 -33.43 -17.91 -3.14
C VAL B 196 -33.58 -16.67 -2.28
N THR B 197 -33.20 -16.72 -1.02
CA THR B 197 -33.27 -15.60 -0.11
C THR B 197 -32.24 -14.52 -0.41
N ILE B 198 -31.44 -14.68 -1.47
CA ILE B 198 -30.48 -13.67 -1.88
C ILE B 198 -31.13 -12.78 -2.93
N VAL B 199 -31.07 -11.47 -2.69
CA VAL B 199 -31.62 -10.49 -3.64
C VAL B 199 -30.61 -9.36 -3.84
N PRO B 200 -30.13 -9.17 -5.08
CA PRO B 200 -29.23 -8.05 -5.35
C PRO B 200 -29.97 -6.78 -5.73
N LEU B 201 -29.59 -5.65 -5.14
CA LEU B 201 -30.20 -4.35 -5.43
C LEU B 201 -29.34 -3.62 -6.45
N TYR B 202 -29.54 -3.97 -7.72
CA TYR B 202 -28.73 -3.38 -8.79
C TYR B 202 -29.10 -1.94 -9.07
N SER B 203 -30.24 -1.47 -8.58
CA SER B 203 -30.68 -0.11 -8.88
C SER B 203 -29.92 0.95 -8.09
N GLN B 204 -29.36 0.60 -6.93
CA GLN B 204 -28.66 1.59 -6.11
C GLN B 204 -27.17 1.62 -6.39
N ILE B 205 -26.77 1.70 -7.65
CA ILE B 205 -25.35 1.88 -8.00
C ILE B 205 -25.25 2.94 -9.08
N PRO B 206 -24.17 3.72 -9.05
CA PRO B 206 -23.97 4.75 -10.07
C PRO B 206 -23.78 4.16 -11.45
N GLY B 207 -24.31 4.86 -12.46
CA GLY B 207 -24.12 4.46 -13.82
C GLY B 207 -25.41 4.10 -14.53
N PRO B 208 -25.38 4.13 -15.86
CA PRO B 208 -26.54 3.72 -16.66
C PRO B 208 -26.68 2.20 -16.78
N LEU B 209 -27.39 1.59 -15.83
CA LEU B 209 -27.67 0.15 -15.78
C LEU B 209 -28.00 -0.40 -17.17
N PRO B 210 -27.54 -1.62 -17.50
CA PRO B 210 -27.52 -2.06 -18.90
C PRO B 210 -28.89 -2.10 -19.57
N ASP B 211 -29.79 -2.93 -19.05
CA ASP B 211 -31.10 -3.12 -19.68
C ASP B 211 -31.88 -4.11 -18.82
N GLU B 212 -33.20 -4.09 -18.98
CA GLU B 212 -34.01 -5.14 -18.39
C GLU B 212 -33.98 -6.38 -19.27
N SER B 213 -34.44 -7.50 -18.72
CA SER B 213 -34.42 -8.80 -19.38
C SER B 213 -32.99 -9.29 -19.58
N THR B 214 -32.00 -8.47 -19.19
CA THR B 214 -30.63 -8.89 -19.02
C THR B 214 -30.16 -8.77 -17.58
N LEU B 215 -30.70 -7.81 -16.82
CA LEU B 215 -30.51 -7.83 -15.38
C LEU B 215 -31.18 -9.04 -14.77
N LYS B 216 -32.23 -9.56 -15.40
CA LYS B 216 -32.88 -10.77 -14.91
C LYS B 216 -31.95 -11.97 -14.99
N GLU B 217 -31.22 -12.10 -16.10
CA GLU B 217 -30.26 -13.20 -16.21
C GLU B 217 -29.13 -13.04 -15.21
N ILE B 218 -28.67 -11.81 -14.98
CA ILE B 218 -27.59 -11.59 -14.02
C ILE B 218 -28.07 -11.87 -12.60
N ARG B 219 -29.29 -11.44 -12.26
CA ARG B 219 -29.81 -11.67 -10.92
C ARG B 219 -29.98 -13.15 -10.64
N LYS B 220 -30.39 -13.93 -11.63
CA LYS B 220 -30.54 -15.37 -11.43
C LYS B 220 -29.18 -16.04 -11.21
N ARG B 221 -28.15 -15.56 -11.90
CA ARG B 221 -26.83 -16.18 -11.78
C ARG B 221 -26.29 -16.09 -10.37
N VAL B 222 -26.48 -14.95 -9.71
CA VAL B 222 -25.94 -14.77 -8.36
C VAL B 222 -26.58 -15.75 -7.39
N GLN B 223 -27.86 -16.04 -7.58
CA GLN B 223 -28.57 -16.89 -6.63
C GLN B 223 -28.13 -18.35 -6.72
N VAL B 224 -27.85 -18.84 -7.93
CA VAL B 224 -27.52 -20.25 -8.10
C VAL B 224 -26.09 -20.40 -8.60
N ALA B 225 -25.21 -19.49 -8.19
CA ALA B 225 -23.81 -19.57 -8.60
C ALA B 225 -23.07 -20.68 -7.87
N GLY B 226 -23.57 -21.13 -6.72
CA GLY B 226 -22.88 -22.18 -5.99
C GLY B 226 -22.88 -23.51 -6.71
N THR B 227 -24.00 -23.86 -7.35
CA THR B 227 -24.12 -25.14 -8.04
C THR B 227 -23.19 -25.23 -9.25
N GLU B 228 -22.71 -24.10 -9.76
CA GLU B 228 -21.80 -24.13 -10.89
C GLU B 228 -20.44 -24.69 -10.50
N VAL B 229 -19.95 -24.36 -9.31
CA VAL B 229 -18.64 -24.82 -8.89
C VAL B 229 -18.64 -26.31 -8.61
N VAL B 230 -19.67 -26.80 -7.91
CA VAL B 230 -19.72 -28.23 -7.59
C VAL B 230 -19.92 -29.07 -8.85
N LYS B 231 -20.55 -28.51 -9.89
CA LYS B 231 -20.68 -29.23 -11.14
C LYS B 231 -19.37 -29.34 -11.89
N ALA B 232 -18.50 -28.32 -11.77
CA ALA B 232 -17.20 -28.36 -12.41
C ALA B 232 -16.29 -29.43 -11.79
N LYS B 233 -16.41 -29.63 -10.48
CA LYS B 233 -15.62 -30.64 -9.78
C LYS B 233 -16.20 -32.05 -9.92
N ALA B 234 -17.31 -32.20 -10.65
CA ALA B 234 -17.97 -33.49 -10.83
C ALA B 234 -18.34 -34.12 -9.49
N GLY B 235 -18.86 -33.30 -8.58
CA GLY B 235 -19.28 -33.80 -7.28
C GLY B 235 -18.16 -34.11 -6.33
N ARG B 236 -16.97 -33.54 -6.54
CA ARG B 236 -15.86 -33.80 -5.64
C ARG B 236 -15.93 -32.92 -4.39
N GLY B 237 -15.87 -31.60 -4.58
CA GLY B 237 -15.91 -30.68 -3.46
C GLY B 237 -16.76 -29.47 -3.71
N SER B 238 -16.42 -28.35 -3.06
CA SER B 238 -17.17 -27.11 -3.19
C SER B 238 -16.18 -25.98 -3.43
N ALA B 239 -16.70 -24.75 -3.47
CA ALA B 239 -15.87 -23.57 -3.72
C ALA B 239 -15.09 -23.23 -2.46
N THR B 240 -14.00 -23.97 -2.25
CA THR B 240 -13.19 -23.79 -1.06
C THR B 240 -12.38 -22.50 -1.10
N LEU B 241 -11.86 -22.14 -2.27
CA LEU B 241 -10.99 -20.97 -2.36
C LEU B 241 -11.79 -19.67 -2.27
N SER B 242 -13.05 -19.67 -2.70
CA SER B 242 -13.84 -18.44 -2.69
C SER B 242 -14.18 -18.02 -1.26
N MET B 243 -14.67 -18.95 -0.45
CA MET B 243 -15.06 -18.58 0.91
C MET B 243 -13.87 -18.27 1.81
N ALA B 244 -12.68 -18.81 1.49
CA ALA B 244 -11.51 -18.41 2.25
C ALA B 244 -11.18 -16.94 2.03
N GLU B 245 -11.27 -16.48 0.78
CA GLU B 245 -11.06 -15.06 0.49
C GLU B 245 -12.17 -14.21 1.09
N ALA B 246 -13.42 -14.63 0.95
CA ALA B 246 -14.54 -13.89 1.51
C ALA B 246 -14.47 -13.88 3.04
N GLY B 247 -14.13 -15.02 3.64
CA GLY B 247 -14.03 -15.07 5.09
C GLY B 247 -12.89 -14.23 5.64
N ALA B 248 -11.75 -14.22 4.94
CA ALA B 248 -10.60 -13.45 5.42
C ALA B 248 -10.86 -11.95 5.31
N ARG B 249 -11.55 -11.53 4.24
CA ARG B 249 -11.86 -10.11 4.10
C ARG B 249 -12.79 -9.62 5.20
N PHE B 250 -13.83 -10.40 5.52
CA PHE B 250 -14.75 -9.99 6.58
C PHE B 250 -14.08 -10.04 7.94
N THR B 251 -13.22 -11.02 8.18
CA THR B 251 -12.54 -11.12 9.47
C THR B 251 -11.64 -9.91 9.70
N MET B 252 -10.98 -9.42 8.65
CA MET B 252 -10.13 -8.25 8.79
C MET B 252 -10.95 -7.00 9.09
N HIS B 253 -12.18 -6.95 8.62
CA HIS B 253 -13.04 -5.80 8.91
C HIS B 253 -13.35 -5.71 10.40
N VAL B 254 -13.59 -6.85 11.04
CA VAL B 254 -13.96 -6.84 12.46
C VAL B 254 -12.80 -6.39 13.32
N VAL B 255 -11.60 -6.94 13.07
CA VAL B 255 -10.46 -6.62 13.93
C VAL B 255 -10.04 -5.17 13.75
N LYS B 256 -10.03 -4.67 12.52
CA LYS B 256 -9.65 -3.28 12.29
C LYS B 256 -10.60 -2.32 12.99
N ALA B 257 -11.90 -2.61 12.93
CA ALA B 257 -12.87 -1.79 13.66
C ALA B 257 -12.72 -1.95 15.17
N LEU B 258 -12.26 -3.11 15.63
CA LEU B 258 -12.10 -3.33 17.06
C LEU B 258 -11.03 -2.44 17.65
N MET B 259 -9.91 -2.28 16.94
CA MET B 259 -8.83 -1.42 17.41
C MET B 259 -9.10 0.06 17.20
N GLY B 260 -10.15 0.41 16.45
CA GLY B 260 -10.44 1.79 16.17
C GLY B 260 -9.79 2.34 14.92
N LEU B 261 -9.34 1.48 14.01
CA LEU B 261 -8.67 1.91 12.79
C LEU B 261 -9.62 2.01 11.60
N ASP B 262 -10.92 1.82 11.81
CA ASP B 262 -11.89 1.88 10.73
C ASP B 262 -13.29 1.88 11.32
N THR B 263 -14.25 2.34 10.52
CA THR B 263 -15.69 2.19 10.82
C THR B 263 -16.38 1.75 9.55
N PRO B 264 -16.17 0.51 9.12
CA PRO B 264 -16.68 0.08 7.81
C PRO B 264 -18.20 -0.09 7.82
N MET B 265 -18.78 0.05 6.63
CA MET B 265 -20.20 -0.21 6.40
C MET B 265 -20.28 -1.46 5.53
N VAL B 266 -20.82 -2.55 6.09
CA VAL B 266 -20.81 -3.86 5.47
C VAL B 266 -22.21 -4.46 5.54
N TYR B 267 -22.37 -5.60 4.87
CA TYR B 267 -23.62 -6.35 4.83
C TYR B 267 -23.40 -7.69 5.50
N ALA B 268 -24.18 -7.97 6.55
CA ALA B 268 -23.98 -9.19 7.32
C ALA B 268 -25.32 -9.69 7.85
N TYR B 269 -25.39 -11.01 8.05
CA TYR B 269 -26.58 -11.67 8.60
C TYR B 269 -26.61 -11.42 10.09
N VAL B 270 -27.42 -10.46 10.53
CA VAL B 270 -27.44 -10.03 11.92
C VAL B 270 -28.85 -10.16 12.46
N ASP B 271 -28.96 -9.93 13.77
CA ASP B 271 -30.24 -9.92 14.47
C ASP B 271 -30.80 -8.51 14.46
N THR B 272 -31.98 -8.35 13.88
CA THR B 272 -32.60 -7.03 13.72
C THR B 272 -33.38 -6.71 15.00
N ASP B 273 -32.88 -5.73 15.75
CA ASP B 273 -33.51 -5.32 17.01
C ASP B 273 -34.69 -4.42 16.66
N GLY B 274 -35.83 -5.02 16.44
CA GLY B 274 -37.00 -4.30 15.93
C GLY B 274 -37.00 -4.31 14.40
N GLU B 275 -36.99 -3.10 13.81
CA GLU B 275 -36.84 -2.94 12.36
C GLU B 275 -37.75 -3.87 11.56
N HIS B 276 -37.14 -4.65 10.66
CA HIS B 276 -37.89 -5.56 9.83
C HIS B 276 -38.62 -6.59 10.69
N GLU B 277 -39.76 -7.08 10.17
CA GLU B 277 -40.54 -8.06 10.91
C GLU B 277 -39.76 -9.35 11.12
N CYS B 278 -38.89 -9.71 10.19
CA CYS B 278 -38.05 -10.88 10.36
C CYS B 278 -36.96 -10.59 11.38
N PRO B 279 -36.73 -11.49 12.35
CA PRO B 279 -35.76 -11.19 13.42
C PRO B 279 -34.30 -11.35 13.02
N PHE B 280 -34.00 -12.00 11.90
CA PHE B 280 -32.61 -12.32 11.53
C PHE B 280 -32.35 -12.01 10.05
N LEU B 281 -32.70 -10.81 9.61
CA LEU B 281 -32.46 -10.44 8.22
C LEU B 281 -30.98 -10.13 7.99
N ALA B 282 -30.62 -10.01 6.71
CA ALA B 282 -29.26 -9.65 6.28
C ALA B 282 -29.31 -8.23 5.71
N MET B 283 -28.87 -7.27 6.52
CA MET B 283 -29.05 -5.85 6.23
C MET B 283 -27.77 -5.10 6.55
N PRO B 284 -27.55 -3.95 5.91
CA PRO B 284 -26.32 -3.19 6.14
C PRO B 284 -26.21 -2.69 7.57
N VAL B 285 -24.98 -2.62 8.07
CA VAL B 285 -24.68 -2.18 9.43
C VAL B 285 -23.38 -1.40 9.40
N VAL B 286 -23.06 -0.76 10.53
CA VAL B 286 -21.84 0.00 10.71
C VAL B 286 -21.10 -0.55 11.91
N LEU B 287 -19.88 -1.04 11.70
CA LEU B 287 -19.12 -1.67 12.76
C LEU B 287 -18.41 -0.62 13.62
N GLY B 288 -17.90 -1.07 14.76
CA GLY B 288 -17.27 -0.16 15.68
C GLY B 288 -16.52 -0.91 16.76
N LYS B 289 -16.07 -0.15 17.76
CA LYS B 289 -15.25 -0.73 18.82
C LYS B 289 -16.03 -1.78 19.61
N ASN B 290 -17.30 -1.52 19.88
CA ASN B 290 -18.13 -2.44 20.65
C ASN B 290 -18.91 -3.41 19.79
N GLY B 291 -18.64 -3.44 18.49
CA GLY B 291 -19.37 -4.30 17.58
C GLY B 291 -20.26 -3.50 16.64
N ILE B 292 -21.47 -4.00 16.38
CA ILE B 292 -22.41 -3.27 15.57
C ILE B 292 -22.76 -1.95 16.25
N GLU B 293 -22.71 -0.86 15.50
CA GLU B 293 -22.97 0.45 16.06
C GLU B 293 -24.23 1.10 15.51
N ARG B 294 -24.49 0.97 14.21
CA ARG B 294 -25.68 1.55 13.61
C ARG B 294 -26.30 0.53 12.65
N ARG B 295 -27.63 0.52 12.61
CA ARG B 295 -28.39 -0.35 11.71
C ARG B 295 -29.10 0.53 10.69
N LEU B 296 -28.70 0.42 9.46
CA LEU B 296 -29.25 1.34 8.46
C LEU B 296 -30.48 0.75 7.78
N PRO B 297 -31.41 1.60 7.35
CA PRO B 297 -32.54 1.11 6.56
C PRO B 297 -32.10 0.66 5.18
N ILE B 298 -32.94 -0.20 4.58
CA ILE B 298 -32.60 -0.80 3.29
C ILE B 298 -32.46 0.28 2.21
N GLY B 299 -33.43 1.19 2.15
CA GLY B 299 -33.37 2.27 1.20
C GLY B 299 -34.41 2.14 0.09
N PRO B 300 -34.42 3.10 -0.84
CA PRO B 300 -35.40 3.06 -1.93
C PRO B 300 -35.08 1.95 -2.92
N ILE B 301 -36.10 1.16 -3.26
CA ILE B 301 -35.98 0.07 -4.22
C ILE B 301 -37.13 0.17 -5.21
N THR B 302 -36.97 -0.52 -6.34
CA THR B 302 -37.94 -0.46 -7.41
C THR B 302 -39.03 -1.51 -7.20
N THR B 303 -39.91 -1.67 -8.19
CA THR B 303 -41.03 -2.61 -8.07
C THR B 303 -40.57 -4.06 -8.21
N VAL B 304 -39.68 -4.34 -9.17
CA VAL B 304 -39.23 -5.71 -9.37
C VAL B 304 -38.47 -6.22 -8.15
N GLU B 305 -37.61 -5.38 -7.58
CA GLU B 305 -36.90 -5.74 -6.36
C GLU B 305 -37.78 -5.73 -5.13
N LYS B 306 -39.02 -5.25 -5.24
CA LYS B 306 -39.96 -5.28 -4.13
C LYS B 306 -40.71 -6.59 -4.06
N GLU B 307 -41.15 -7.12 -5.20
CA GLU B 307 -41.82 -8.43 -5.21
C GLU B 307 -40.84 -9.54 -4.84
N MET B 308 -39.61 -9.46 -5.31
CA MET B 308 -38.63 -10.51 -5.03
C MET B 308 -38.22 -10.50 -3.57
N LEU B 309 -38.13 -9.31 -2.95
CA LEU B 309 -37.77 -9.23 -1.55
C LEU B 309 -38.83 -9.83 -0.64
N GLU B 310 -40.11 -9.61 -0.96
CA GLU B 310 -41.19 -10.12 -0.13
C GLU B 310 -41.27 -11.63 -0.16
N GLU B 311 -40.78 -12.27 -1.22
CA GLU B 311 -40.73 -13.73 -1.26
C GLU B 311 -39.57 -14.27 -0.43
N ALA B 312 -38.45 -13.53 -0.36
CA ALA B 312 -37.30 -13.99 0.40
C ALA B 312 -37.57 -13.99 1.89
N VAL B 313 -38.31 -13.00 2.39
CA VAL B 313 -38.56 -12.91 3.82
C VAL B 313 -39.41 -14.09 4.28
N GLY B 314 -40.33 -14.54 3.43
CA GLY B 314 -41.16 -15.68 3.80
C GLY B 314 -40.36 -16.96 4.00
N VAL B 315 -39.38 -17.20 3.13
CA VAL B 315 -38.56 -18.41 3.25
C VAL B 315 -37.63 -18.31 4.45
N VAL B 316 -37.07 -17.13 4.71
CA VAL B 316 -36.20 -16.95 5.87
C VAL B 316 -36.96 -17.21 7.17
N LYS B 317 -38.26 -16.94 7.18
CA LYS B 317 -39.06 -17.15 8.39
C LYS B 317 -39.07 -18.62 8.79
N LYS B 318 -39.21 -19.52 7.83
CA LYS B 318 -39.23 -20.95 8.15
C LYS B 318 -37.84 -21.44 8.56
N ASN B 319 -36.79 -20.91 7.94
CA ASN B 319 -35.43 -21.37 8.24
C ASN B 319 -35.05 -21.08 9.68
N ILE B 320 -35.46 -19.93 10.21
CA ILE B 320 -35.17 -19.61 11.60
C ILE B 320 -35.88 -20.60 12.54
N ALA B 321 -37.15 -20.88 12.26
CA ALA B 321 -37.91 -21.77 13.13
C ALA B 321 -37.35 -23.19 13.10
N LYS B 322 -37.00 -23.69 11.92
CA LYS B 322 -36.47 -25.04 11.81
C LYS B 322 -35.15 -25.18 12.56
N GLY B 323 -34.26 -24.20 12.43
CA GLY B 323 -33.04 -24.20 13.21
C GLY B 323 -33.29 -24.07 14.69
N GLU B 324 -34.32 -23.33 15.07
CA GLU B 324 -34.65 -23.11 16.47
C GLU B 324 -35.41 -24.27 17.10
N THR B 325 -35.93 -25.19 16.29
CA THR B 325 -36.53 -26.41 16.83
C THR B 325 -35.47 -27.29 17.48
N PHE B 326 -34.28 -27.36 16.87
CA PHE B 326 -33.20 -28.19 17.40
C PHE B 326 -32.86 -27.81 18.83
N ALA B 327 -32.40 -26.58 19.04
CA ALA B 327 -32.02 -26.12 20.37
C ALA B 327 -33.12 -25.24 20.97
N MET C 9 -1.18 -7.62 -21.38
CA MET C 9 0.17 -7.19 -21.02
C MET C 9 1.08 -8.39 -20.83
N VAL C 10 1.03 -8.99 -19.64
CA VAL C 10 1.88 -10.12 -19.29
C VAL C 10 0.99 -11.32 -18.99
N ASN C 11 1.40 -12.48 -19.49
CA ASN C 11 0.65 -13.73 -19.32
C ASN C 11 1.47 -14.69 -18.47
N VAL C 12 0.86 -15.18 -17.40
CA VAL C 12 1.51 -16.06 -16.44
C VAL C 12 0.79 -17.40 -16.44
N ALA C 13 1.55 -18.48 -16.63
CA ALA C 13 1.00 -19.83 -16.68
C ALA C 13 1.55 -20.65 -15.54
N VAL C 14 0.67 -21.38 -14.85
CA VAL C 14 1.04 -22.27 -13.76
C VAL C 14 0.70 -23.68 -14.19
N ILE C 15 1.72 -24.53 -14.33
CA ILE C 15 1.56 -25.90 -14.81
C ILE C 15 1.47 -26.82 -13.60
N GLY C 16 0.39 -27.58 -13.52
CA GLY C 16 0.12 -28.42 -12.36
C GLY C 16 -0.51 -27.65 -11.23
N ALA C 17 -1.63 -26.98 -11.51
CA ALA C 17 -2.24 -26.05 -10.57
C ALA C 17 -3.31 -26.67 -9.69
N ALA C 18 -3.72 -27.92 -9.94
CA ALA C 18 -4.77 -28.54 -9.18
C ALA C 18 -4.24 -29.33 -7.98
N GLY C 19 -2.94 -29.32 -7.76
CA GLY C 19 -2.37 -29.99 -6.60
C GLY C 19 -2.52 -29.18 -5.33
N GLY C 20 -2.11 -29.79 -4.22
CA GLY C 20 -2.19 -29.11 -2.95
C GLY C 20 -1.26 -27.92 -2.86
N ILE C 21 -0.09 -27.99 -3.48
CA ILE C 21 0.84 -26.88 -3.47
C ILE C 21 0.44 -25.82 -4.49
N GLY C 22 -0.01 -26.25 -5.67
CA GLY C 22 -0.37 -25.32 -6.72
C GLY C 22 -1.71 -24.63 -6.59
N GLN C 23 -2.58 -25.13 -5.70
CA GLN C 23 -3.87 -24.47 -5.48
C GLN C 23 -3.70 -23.19 -4.68
N SER C 24 -2.87 -23.23 -3.63
CA SER C 24 -2.59 -22.01 -2.87
C SER C 24 -1.70 -21.05 -3.63
N LEU C 25 -0.91 -21.55 -4.57
CA LEU C 25 -0.07 -20.68 -5.39
C LEU C 25 -0.92 -19.80 -6.30
N SER C 26 -1.96 -20.37 -6.91
CA SER C 26 -2.78 -19.60 -7.84
C SER C 26 -3.61 -18.55 -7.13
N LEU C 27 -4.11 -18.87 -5.93
CA LEU C 27 -4.92 -17.91 -5.18
C LEU C 27 -4.10 -16.67 -4.80
N LEU C 28 -2.84 -16.87 -4.43
CA LEU C 28 -2.00 -15.74 -4.05
C LEU C 28 -1.62 -14.89 -5.26
N LEU C 29 -1.47 -15.51 -6.43
CA LEU C 29 -1.12 -14.74 -7.63
C LEU C 29 -2.26 -13.82 -8.05
N LEU C 30 -3.51 -14.31 -7.95
CA LEU C 30 -4.65 -13.56 -8.45
C LEU C 30 -4.83 -12.23 -7.71
N ARG C 31 -4.41 -12.18 -6.45
CA ARG C 31 -4.59 -10.98 -5.64
C ARG C 31 -3.45 -9.99 -5.75
N GLU C 32 -2.40 -10.30 -6.52
CA GLU C 32 -1.25 -9.42 -6.62
C GLU C 32 -0.85 -9.06 -8.05
N LEU C 33 -1.38 -9.75 -9.06
CA LEU C 33 -1.00 -9.48 -10.44
C LEU C 33 -1.43 -8.07 -10.85
N PRO C 34 -0.66 -7.41 -11.70
CA PRO C 34 -1.01 -6.04 -12.11
C PRO C 34 -2.25 -6.02 -12.98
N PHE C 35 -2.87 -4.84 -13.05
CA PHE C 35 -4.08 -4.64 -13.84
C PHE C 35 -3.83 -5.01 -15.28
N GLY C 36 -4.79 -5.73 -15.87
CA GLY C 36 -4.70 -6.12 -17.26
C GLY C 36 -3.88 -7.36 -17.54
N SER C 37 -3.54 -8.14 -16.51
CA SER C 37 -2.73 -9.33 -16.69
C SER C 37 -3.61 -10.51 -17.08
N THR C 38 -2.99 -11.68 -17.19
CA THR C 38 -3.68 -12.92 -17.51
C THR C 38 -3.12 -14.02 -16.62
N LEU C 39 -3.96 -15.02 -16.34
CA LEU C 39 -3.53 -16.19 -15.57
C LEU C 39 -3.98 -17.43 -16.31
N SER C 40 -3.07 -18.37 -16.54
CA SER C 40 -3.38 -19.61 -17.21
C SER C 40 -3.09 -20.78 -16.29
N LEU C 41 -4.02 -21.73 -16.23
CA LEU C 41 -3.92 -22.86 -15.33
C LEU C 41 -4.08 -24.16 -16.11
N TYR C 42 -3.27 -25.16 -15.75
CA TYR C 42 -3.30 -26.45 -16.44
C TYR C 42 -2.99 -27.55 -15.45
N ASP C 43 -3.70 -28.67 -15.58
CA ASP C 43 -3.40 -29.89 -14.84
C ASP C 43 -4.15 -31.04 -15.50
N VAL C 44 -3.73 -32.26 -15.16
CA VAL C 44 -4.32 -33.45 -15.78
C VAL C 44 -5.75 -33.65 -15.29
N VAL C 45 -5.99 -33.51 -13.99
CA VAL C 45 -7.33 -33.67 -13.42
C VAL C 45 -7.58 -32.56 -12.42
N GLY C 46 -8.79 -32.01 -12.45
CA GLY C 46 -9.17 -30.96 -11.53
C GLY C 46 -8.92 -29.55 -12.01
N ALA C 47 -8.45 -29.37 -13.26
CA ALA C 47 -8.22 -28.02 -13.76
C ALA C 47 -9.50 -27.19 -13.87
N PRO C 48 -10.59 -27.67 -14.48
CA PRO C 48 -11.80 -26.83 -14.54
C PRO C 48 -12.35 -26.44 -13.19
N GLY C 49 -12.27 -27.32 -12.19
CA GLY C 49 -12.82 -27.00 -10.88
C GLY C 49 -12.14 -25.82 -10.24
N VAL C 50 -10.81 -25.77 -10.29
CA VAL C 50 -10.08 -24.62 -9.78
C VAL C 50 -10.34 -23.39 -10.65
N ALA C 51 -10.49 -23.59 -11.96
CA ALA C 51 -10.67 -22.46 -12.86
C ALA C 51 -11.95 -21.71 -12.55
N ALA C 52 -13.09 -22.41 -12.51
CA ALA C 52 -14.34 -21.76 -12.19
C ALA C 52 -14.57 -21.71 -10.68
N ASP C 53 -13.54 -21.31 -9.98
CA ASP C 53 -13.54 -21.05 -8.54
C ASP C 53 -12.92 -19.70 -8.21
N LEU C 54 -11.87 -19.30 -8.93
CA LEU C 54 -11.27 -17.99 -8.81
C LEU C 54 -11.94 -16.96 -9.70
N SER C 55 -12.75 -17.40 -10.67
CA SER C 55 -13.47 -16.50 -11.56
C SER C 55 -14.58 -15.75 -10.86
N HIS C 56 -14.92 -16.12 -9.62
CA HIS C 56 -15.98 -15.46 -8.90
C HIS C 56 -15.48 -14.34 -7.99
N ILE C 57 -14.18 -14.30 -7.69
CA ILE C 57 -13.63 -13.14 -7.00
C ILE C 57 -13.59 -11.96 -7.97
N ASP C 58 -13.98 -10.79 -7.49
CA ASP C 58 -14.18 -9.65 -8.38
C ASP C 58 -12.89 -9.25 -9.10
N ARG C 59 -11.92 -8.71 -8.37
CA ARG C 59 -10.57 -8.42 -8.89
C ARG C 59 -10.61 -7.90 -10.32
N ALA C 60 -11.22 -6.74 -10.48
CA ALA C 60 -11.35 -6.13 -11.80
C ALA C 60 -9.98 -5.94 -12.46
N GLY C 61 -9.91 -6.28 -13.75
CA GLY C 61 -8.71 -6.12 -14.54
C GLY C 61 -8.03 -7.42 -14.91
N ILE C 62 -8.32 -8.51 -14.22
CA ILE C 62 -7.65 -9.79 -14.45
C ILE C 62 -8.62 -10.74 -15.13
N THR C 63 -8.13 -11.44 -16.15
CA THR C 63 -8.87 -12.53 -16.78
C THR C 63 -8.21 -13.86 -16.42
N VAL C 64 -8.98 -14.93 -16.52
CA VAL C 64 -8.53 -16.26 -16.14
C VAL C 64 -8.87 -17.24 -17.26
N LYS C 65 -7.88 -18.05 -17.66
CA LYS C 65 -8.09 -19.12 -18.62
C LYS C 65 -7.66 -20.45 -18.01
N HIS C 66 -7.95 -21.53 -18.72
CA HIS C 66 -7.58 -22.85 -18.24
C HIS C 66 -7.58 -23.83 -19.39
N ALA C 67 -6.97 -24.99 -19.15
CA ALA C 67 -6.97 -26.10 -20.09
C ALA C 67 -6.91 -27.40 -19.31
N ALA C 68 -7.75 -28.35 -19.69
CA ALA C 68 -7.89 -29.61 -18.96
C ALA C 68 -7.02 -30.69 -19.58
N GLY C 69 -6.51 -31.57 -18.73
CA GLY C 69 -5.71 -32.70 -19.17
C GLY C 69 -6.57 -33.83 -19.68
N LYS C 70 -6.17 -35.07 -19.42
CA LYS C 70 -6.85 -36.22 -19.98
C LYS C 70 -6.54 -37.44 -19.11
N LEU C 71 -6.74 -38.63 -19.67
CA LEU C 71 -6.45 -39.93 -19.07
C LEU C 71 -4.99 -39.98 -18.64
N PRO C 72 -4.56 -41.02 -17.90
CA PRO C 72 -3.18 -41.08 -17.40
C PRO C 72 -2.17 -40.57 -18.43
N PRO C 73 -1.15 -39.84 -17.97
CA PRO C 73 -0.43 -38.91 -18.85
C PRO C 73 0.16 -39.58 -20.08
N VAL C 74 0.12 -38.85 -21.19
CA VAL C 74 0.64 -39.28 -22.47
C VAL C 74 1.79 -38.35 -22.84
N PRO C 75 2.51 -38.58 -23.94
CA PRO C 75 3.49 -37.58 -24.40
C PRO C 75 2.81 -36.28 -24.80
N ARG C 76 3.60 -35.32 -25.31
CA ARG C 76 3.16 -33.96 -25.58
C ARG C 76 1.76 -33.93 -26.19
N ASP C 77 0.82 -33.23 -25.49
CA ASP C 77 -0.61 -33.19 -25.74
C ASP C 77 -1.01 -31.84 -26.33
N PRO C 78 -2.04 -31.82 -27.19
CA PRO C 78 -2.45 -30.55 -27.81
C PRO C 78 -2.95 -29.52 -26.81
N ALA C 79 -3.51 -29.94 -25.68
CA ALA C 79 -4.08 -28.99 -24.73
C ALA C 79 -3.00 -28.09 -24.13
N LEU C 80 -1.83 -28.65 -23.83
CA LEU C 80 -0.76 -27.85 -23.25
C LEU C 80 -0.17 -26.87 -24.25
N THR C 81 -0.09 -27.26 -25.53
CA THR C 81 0.46 -26.35 -26.54
C THR C 81 -0.42 -25.13 -26.74
N GLU C 82 -1.74 -25.31 -26.77
CA GLU C 82 -2.63 -24.19 -27.02
C GLU C 82 -2.56 -23.15 -25.91
N LEU C 83 -2.45 -23.60 -24.66
CA LEU C 83 -2.35 -22.67 -23.53
C LEU C 83 -1.03 -21.92 -23.50
N ALA C 84 0.01 -22.45 -24.14
CA ALA C 84 1.35 -21.90 -24.03
C ALA C 84 1.63 -20.77 -25.02
N GLU C 85 0.67 -20.41 -25.86
CA GLU C 85 0.89 -19.36 -26.85
C GLU C 85 0.97 -18.00 -26.18
N GLY C 86 2.02 -17.24 -26.50
CA GLY C 86 2.17 -15.89 -26.00
C GLY C 86 2.30 -15.80 -24.50
N VAL C 87 2.90 -16.80 -23.87
CA VAL C 87 3.08 -16.84 -22.42
C VAL C 87 4.47 -16.34 -22.10
N ASP C 88 4.55 -15.42 -21.14
CA ASP C 88 5.82 -14.79 -20.80
C ASP C 88 6.58 -15.56 -19.74
N VAL C 89 5.90 -16.03 -18.69
CA VAL C 89 6.53 -16.71 -17.57
C VAL C 89 5.87 -18.08 -17.39
N PHE C 90 6.69 -19.10 -17.21
CA PHE C 90 6.21 -20.45 -16.96
C PHE C 90 6.61 -20.87 -15.56
N VAL C 91 5.65 -21.31 -14.76
CA VAL C 91 5.89 -21.85 -13.42
C VAL C 91 5.65 -23.35 -13.48
N ILE C 92 6.70 -24.13 -13.24
CA ILE C 92 6.63 -25.58 -13.32
C ILE C 92 6.58 -26.11 -11.89
N VAL C 93 5.39 -26.48 -11.44
CA VAL C 93 5.19 -27.11 -10.13
C VAL C 93 4.29 -28.31 -10.37
N ALA C 94 4.89 -29.48 -10.57
CA ALA C 94 4.14 -30.68 -10.88
C ALA C 94 4.99 -31.90 -10.57
N GLY C 95 4.37 -32.90 -9.95
CA GLY C 95 5.08 -34.11 -9.58
C GLY C 95 4.29 -34.89 -8.54
N VAL C 96 5.01 -35.76 -7.85
CA VAL C 96 4.40 -36.57 -6.80
C VAL C 96 4.99 -36.19 -5.45
N PHE C 108 12.91 -39.57 -7.46
CA PHE C 108 13.80 -38.87 -8.38
C PHE C 108 13.45 -39.16 -9.84
N ASN C 109 13.48 -40.45 -10.20
CA ASN C 109 13.23 -40.83 -11.58
C ASN C 109 11.80 -40.52 -12.01
N VAL C 110 10.85 -40.59 -11.08
CA VAL C 110 9.47 -40.27 -11.43
C VAL C 110 9.29 -38.78 -11.70
N ASN C 111 9.97 -37.94 -10.91
CA ASN C 111 9.85 -36.50 -11.12
C ASN C 111 10.67 -36.02 -12.30
N ALA C 112 11.84 -36.63 -12.52
CA ALA C 112 12.70 -36.21 -13.63
C ALA C 112 12.04 -36.45 -14.98
N GLY C 113 11.31 -37.56 -15.11
CA GLY C 113 10.62 -37.84 -16.35
C GLY C 113 9.50 -36.85 -16.63
N ILE C 114 8.79 -36.42 -15.58
CA ILE C 114 7.69 -35.48 -15.76
C ILE C 114 8.20 -34.12 -16.18
N VAL C 115 9.24 -33.63 -15.50
CA VAL C 115 9.70 -32.25 -15.71
C VAL C 115 10.22 -32.06 -17.13
N MET C 116 11.02 -33.02 -17.61
CA MET C 116 11.60 -32.89 -18.95
C MET C 116 10.54 -32.99 -20.04
N ASP C 117 9.34 -33.47 -19.72
CA ASP C 117 8.28 -33.53 -20.72
C ASP C 117 7.56 -32.20 -20.86
N LEU C 118 7.22 -31.57 -19.73
CA LEU C 118 6.52 -30.28 -19.79
C LEU C 118 7.38 -29.20 -20.44
N VAL C 119 8.67 -29.16 -20.10
CA VAL C 119 9.55 -28.15 -20.68
C VAL C 119 9.68 -28.33 -22.18
N LEU C 120 9.71 -29.59 -22.63
CA LEU C 120 9.80 -29.86 -24.06
C LEU C 120 8.60 -29.30 -24.81
N THR C 121 7.40 -29.50 -24.28
CA THR C 121 6.20 -29.04 -24.96
C THR C 121 5.98 -27.54 -24.78
N CYS C 122 6.37 -26.97 -23.64
CA CYS C 122 6.14 -25.55 -23.41
C CYS C 122 7.11 -24.69 -24.22
N ALA C 123 8.38 -25.10 -24.29
CA ALA C 123 9.40 -24.31 -24.98
C ALA C 123 9.29 -24.38 -26.50
N SER C 124 8.48 -25.28 -27.04
CA SER C 124 8.33 -25.37 -28.48
C SER C 124 7.41 -24.29 -29.05
N VAL C 125 6.62 -23.64 -28.20
CA VAL C 125 5.70 -22.62 -28.65
C VAL C 125 6.09 -21.22 -28.20
N SER C 126 6.75 -21.08 -27.04
CA SER C 126 7.19 -19.78 -26.53
C SER C 126 8.63 -19.90 -26.07
N PRO C 127 9.57 -20.02 -27.01
CA PRO C 127 10.99 -20.22 -26.62
C PRO C 127 11.62 -19.03 -25.90
N ASN C 128 11.01 -17.84 -25.96
CA ASN C 128 11.58 -16.65 -25.36
C ASN C 128 11.00 -16.34 -23.98
N ALA C 129 10.48 -17.35 -23.30
CA ALA C 129 9.87 -17.17 -21.98
C ALA C 129 10.90 -17.42 -20.89
N CYS C 130 10.51 -17.09 -19.67
CA CYS C 130 11.31 -17.39 -18.47
C CYS C 130 10.75 -18.62 -17.79
N PHE C 131 11.60 -19.57 -17.46
CA PHE C 131 11.20 -20.82 -16.84
C PHE C 131 11.61 -20.82 -15.37
N CYS C 132 10.66 -21.17 -14.50
CA CYS C 132 10.91 -21.30 -13.08
C CYS C 132 10.60 -22.73 -12.64
N ILE C 133 11.47 -23.28 -11.80
CA ILE C 133 11.37 -24.67 -11.36
C ILE C 133 11.09 -24.69 -9.87
N VAL C 134 10.09 -25.46 -9.46
CA VAL C 134 9.63 -25.47 -8.08
C VAL C 134 9.72 -26.89 -7.52
N THR C 135 9.91 -27.86 -8.39
CA THR C 135 9.85 -29.27 -8.02
C THR C 135 10.93 -29.63 -6.99
N ASN C 136 10.86 -30.87 -6.48
CA ASN C 136 11.61 -31.20 -5.26
C ASN C 136 13.11 -31.27 -5.50
N PRO C 137 13.65 -32.11 -6.41
CA PRO C 137 15.12 -32.13 -6.56
C PRO C 137 15.64 -30.92 -7.32
N VAL C 138 15.78 -29.81 -6.60
CA VAL C 138 16.13 -28.54 -7.24
C VAL C 138 17.53 -28.63 -7.85
N ASN C 139 18.48 -29.18 -7.11
CA ASN C 139 19.85 -29.28 -7.63
C ASN C 139 19.95 -30.22 -8.81
N SER C 140 18.96 -31.08 -9.03
CA SER C 140 19.00 -32.07 -10.09
C SER C 140 18.03 -31.81 -11.23
N THR C 141 16.84 -31.27 -10.94
CA THR C 141 15.87 -31.02 -12.00
C THR C 141 16.23 -29.79 -12.82
N THR C 142 16.86 -28.78 -12.21
CA THR C 142 17.24 -27.59 -12.96
C THR C 142 18.25 -27.88 -14.06
N PRO C 143 19.36 -28.60 -13.82
CA PRO C 143 20.24 -28.96 -14.95
C PRO C 143 19.57 -29.86 -15.98
N ILE C 144 18.56 -30.64 -15.58
CA ILE C 144 17.85 -31.46 -16.55
C ILE C 144 17.10 -30.57 -17.54
N ALA C 145 16.44 -29.52 -17.04
CA ALA C 145 15.71 -28.62 -17.92
C ALA C 145 16.65 -27.89 -18.87
N ALA C 146 17.83 -27.50 -18.38
CA ALA C 146 18.82 -26.86 -19.25
C ALA C 146 19.27 -27.80 -20.36
N GLN C 147 19.48 -29.07 -20.02
CA GLN C 147 19.84 -30.05 -21.05
C GLN C 147 18.67 -30.33 -21.98
N THR C 148 17.44 -30.13 -21.52
CA THR C 148 16.29 -30.29 -22.40
C THR C 148 16.21 -29.17 -23.42
N LEU C 149 16.49 -27.94 -22.99
CA LEU C 149 16.39 -26.80 -23.90
C LEU C 149 17.49 -26.84 -24.95
N ARG C 150 18.69 -27.30 -24.58
CA ARG C 150 19.79 -27.36 -25.54
C ARG C 150 19.45 -28.28 -26.70
N LYS C 151 18.77 -29.39 -26.42
CA LYS C 151 18.40 -30.33 -27.48
C LYS C 151 17.44 -29.70 -28.47
N ILE C 152 16.51 -28.86 -27.99
CA ILE C 152 15.54 -28.22 -28.87
C ILE C 152 16.26 -27.32 -29.88
N GLY C 153 17.21 -26.53 -29.40
CA GLY C 153 17.94 -25.62 -30.26
C GLY C 153 18.02 -24.21 -29.71
N VAL C 154 17.18 -23.90 -28.72
CA VAL C 154 17.13 -22.58 -28.11
C VAL C 154 17.41 -22.73 -26.62
N TYR C 155 18.36 -21.95 -26.12
CA TYR C 155 18.69 -21.96 -24.70
C TYR C 155 19.40 -20.65 -24.36
N ASN C 156 18.75 -19.80 -23.57
CA ASN C 156 19.33 -18.56 -23.11
C ASN C 156 19.63 -18.75 -21.63
N LYS C 157 20.89 -18.60 -21.25
CA LYS C 157 21.32 -18.89 -19.89
C LYS C 157 20.79 -17.90 -18.87
N ASN C 158 20.19 -16.79 -19.30
CA ASN C 158 19.63 -15.80 -18.39
C ASN C 158 18.13 -15.97 -18.15
N LYS C 159 17.52 -16.99 -18.72
CA LYS C 159 16.08 -17.21 -18.62
C LYS C 159 15.77 -18.60 -18.12
N LEU C 160 16.48 -19.02 -17.07
CA LEU C 160 16.22 -20.30 -16.40
C LEU C 160 16.62 -20.15 -14.96
N LEU C 161 15.63 -20.08 -14.07
CA LEU C 161 15.86 -19.85 -12.65
C LEU C 161 15.26 -20.98 -11.83
N GLY C 162 15.99 -21.42 -10.81
CA GLY C 162 15.49 -22.40 -9.86
C GLY C 162 15.17 -21.74 -8.53
N VAL C 163 13.93 -21.87 -8.08
CA VAL C 163 13.49 -21.14 -6.91
C VAL C 163 14.15 -21.71 -5.66
N SER C 164 14.76 -20.84 -4.86
CA SER C 164 15.43 -21.24 -3.63
C SER C 164 15.14 -20.26 -2.49
N LEU C 165 13.95 -19.64 -2.50
CA LEU C 165 13.62 -18.63 -1.53
C LEU C 165 13.13 -19.20 -0.21
N LEU C 166 12.78 -20.49 -0.16
CA LEU C 166 12.28 -21.07 1.09
C LEU C 166 13.35 -21.05 2.18
N ASP C 167 14.61 -21.29 1.79
CA ASP C 167 15.69 -21.26 2.77
C ASP C 167 15.87 -19.87 3.37
N GLY C 168 15.70 -18.83 2.55
CA GLY C 168 15.80 -17.48 3.05
C GLY C 168 14.68 -17.13 4.02
N LEU C 169 13.48 -17.65 3.76
CA LEU C 169 12.36 -17.43 4.68
C LEU C 169 12.59 -18.12 6.02
N ARG C 170 13.12 -19.34 5.99
CA ARG C 170 13.40 -20.05 7.23
C ARG C 170 14.51 -19.38 8.03
N ALA C 171 15.62 -19.04 7.36
CA ALA C 171 16.75 -18.46 8.06
C ALA C 171 16.44 -17.09 8.62
N THR C 172 15.57 -16.33 7.94
CA THR C 172 15.17 -15.03 8.47
C THR C 172 14.34 -15.18 9.74
N ARG C 173 13.47 -16.18 9.78
CA ARG C 173 12.60 -16.35 10.94
C ARG C 173 13.39 -16.82 12.16
N PHE C 174 14.27 -17.81 11.97
CA PHE C 174 14.99 -18.38 13.11
C PHE C 174 15.93 -17.36 13.74
N ILE C 175 16.59 -16.55 12.92
CA ILE C 175 17.47 -15.52 13.47
C ILE C 175 16.70 -14.34 14.04
N ASN C 176 15.45 -14.13 13.59
CA ASN C 176 14.66 -13.03 14.14
C ASN C 176 14.15 -13.36 15.54
N ASN C 177 13.78 -14.63 15.77
CA ASN C 177 13.34 -15.04 17.10
C ASN C 177 14.43 -14.91 18.14
N ALA C 178 15.70 -15.08 17.76
CA ALA C 178 16.80 -15.07 18.72
C ALA C 178 17.22 -13.65 19.11
N ARG C 179 17.22 -12.71 18.17
CA ARG C 179 17.72 -11.37 18.41
C ARG C 179 16.62 -10.36 18.69
N HIS C 180 15.45 -10.82 19.14
CA HIS C 180 14.33 -9.93 19.37
C HIS C 180 14.74 -8.84 20.37
N PRO C 181 14.33 -7.58 20.15
CA PRO C 181 13.47 -7.07 19.08
C PRO C 181 14.21 -6.50 17.88
N LEU C 182 15.21 -7.19 17.33
CA LEU C 182 15.93 -6.75 16.14
C LEU C 182 15.44 -7.53 14.94
N VAL C 183 15.01 -6.83 13.89
CA VAL C 183 14.39 -7.44 12.72
C VAL C 183 15.20 -7.11 11.50
N VAL C 184 15.43 -8.10 10.65
CA VAL C 184 16.14 -7.91 9.38
C VAL C 184 15.22 -8.35 8.25
N PRO C 185 15.26 -7.69 7.08
CA PRO C 185 14.32 -8.06 6.02
C PRO C 185 14.67 -9.35 5.31
N TYR C 186 15.94 -9.72 5.23
CA TYR C 186 16.34 -10.91 4.48
C TYR C 186 17.71 -11.36 4.98
N VAL C 187 18.06 -12.59 4.60
CA VAL C 187 19.35 -13.18 4.96
C VAL C 187 19.93 -13.90 3.76
N PRO C 188 21.21 -13.73 3.45
CA PRO C 188 21.79 -14.41 2.28
C PRO C 188 22.00 -15.90 2.54
N VAL C 189 21.68 -16.70 1.54
CA VAL C 189 21.89 -18.15 1.59
C VAL C 189 22.48 -18.58 0.26
N VAL C 190 23.63 -19.25 0.31
CA VAL C 190 24.30 -19.72 -0.89
C VAL C 190 24.47 -21.25 -0.82
N GLY C 191 25.08 -21.83 -1.83
CA GLY C 191 25.34 -23.26 -1.82
C GLY C 191 24.38 -24.04 -2.71
N GLY C 192 23.59 -24.91 -2.10
CA GLY C 192 22.62 -25.73 -2.79
C GLY C 192 21.26 -25.62 -2.13
N HIS C 193 20.50 -26.72 -2.23
CA HIS C 193 19.14 -26.73 -1.68
C HIS C 193 18.78 -28.01 -0.92
N SER C 194 19.43 -29.15 -1.14
CA SER C 194 18.87 -30.42 -0.69
C SER C 194 18.77 -30.59 0.82
N ASP C 195 19.90 -30.86 1.50
CA ASP C 195 19.85 -31.01 2.94
C ASP C 195 21.00 -30.35 3.67
N VAL C 196 22.21 -30.49 3.12
CA VAL C 196 23.44 -30.10 3.81
C VAL C 196 24.25 -29.09 3.03
N THR C 197 23.93 -28.88 1.76
CA THR C 197 24.59 -27.88 0.95
C THR C 197 24.11 -26.47 1.24
N ILE C 198 23.09 -26.32 2.09
CA ILE C 198 22.55 -25.02 2.44
C ILE C 198 23.48 -24.35 3.44
N VAL C 199 24.04 -23.21 3.06
CA VAL C 199 24.99 -22.48 3.88
C VAL C 199 24.42 -21.08 4.14
N PRO C 200 23.88 -20.84 5.33
CA PRO C 200 23.41 -19.49 5.67
C PRO C 200 24.58 -18.60 6.05
N LEU C 201 24.67 -17.44 5.39
CA LEU C 201 25.78 -16.51 5.59
C LEU C 201 25.32 -15.42 6.56
N TYR C 202 25.29 -15.79 7.84
CA TYR C 202 24.85 -14.86 8.87
C TYR C 202 25.86 -13.76 9.16
N SER C 203 27.07 -13.85 8.62
CA SER C 203 28.06 -12.81 8.88
C SER C 203 27.78 -11.54 8.10
N GLN C 204 27.13 -11.65 6.94
CA GLN C 204 26.81 -10.48 6.11
C GLN C 204 25.42 -9.94 6.40
N ILE C 205 25.09 -9.72 7.67
CA ILE C 205 23.85 -9.03 8.03
C ILE C 205 24.14 -8.01 9.11
N PRO C 206 23.41 -6.90 9.11
CA PRO C 206 23.72 -5.80 10.03
C PRO C 206 23.26 -6.11 11.44
N GLY C 207 24.21 -6.21 12.36
CA GLY C 207 23.89 -6.41 13.75
C GLY C 207 24.92 -7.22 14.51
N PRO C 208 24.85 -7.15 15.84
CA PRO C 208 25.73 -7.97 16.68
C PRO C 208 25.22 -9.39 16.87
N LEU C 209 25.59 -10.30 15.96
CA LEU C 209 25.24 -11.72 16.01
C LEU C 209 25.33 -12.25 17.44
N PRO C 210 24.41 -13.13 17.87
CA PRO C 210 24.24 -13.39 19.30
C PRO C 210 25.48 -13.94 19.99
N ASP C 211 25.96 -15.11 19.56
CA ASP C 211 27.09 -15.75 20.20
C ASP C 211 27.51 -17.01 19.45
N GLU C 212 28.78 -17.38 19.55
CA GLU C 212 29.23 -18.63 18.96
C GLU C 212 28.72 -19.80 19.82
N SER C 213 28.79 -21.00 19.25
CA SER C 213 28.30 -22.25 19.81
C SER C 213 26.78 -22.28 19.87
N THR C 214 26.10 -21.20 19.49
CA THR C 214 24.66 -21.16 19.28
C THR C 214 24.30 -21.12 17.81
N LEU C 215 25.08 -20.40 17.00
CA LEU C 215 24.82 -20.34 15.57
C LEU C 215 24.89 -21.72 14.93
N LYS C 216 25.65 -22.64 15.53
CA LYS C 216 25.74 -23.99 14.98
C LYS C 216 24.38 -24.68 15.00
N GLU C 217 23.64 -24.54 16.10
CA GLU C 217 22.30 -25.09 16.16
C GLU C 217 21.37 -24.41 15.16
N ILE C 218 21.44 -23.08 15.06
CA ILE C 218 20.59 -22.35 14.13
C ILE C 218 20.90 -22.76 12.70
N ARG C 219 22.18 -22.84 12.35
CA ARG C 219 22.56 -23.30 11.02
C ARG C 219 22.15 -24.75 10.79
N LYS C 220 22.12 -25.56 11.86
CA LYS C 220 21.68 -26.94 11.72
C LYS C 220 20.16 -27.03 11.59
N ARG C 221 19.42 -26.16 12.28
CA ARG C 221 17.97 -26.19 12.19
C ARG C 221 17.51 -25.87 10.77
N VAL C 222 18.16 -24.91 10.12
CA VAL C 222 17.82 -24.58 8.74
C VAL C 222 18.09 -25.77 7.83
N GLN C 223 19.14 -26.54 8.11
CA GLN C 223 19.51 -27.65 7.24
C GLN C 223 18.49 -28.78 7.31
N VAL C 224 17.93 -29.04 8.50
CA VAL C 224 17.01 -30.16 8.66
C VAL C 224 15.62 -29.65 9.02
N ALA C 225 15.28 -28.43 8.60
CA ALA C 225 13.95 -27.90 8.87
C ALA C 225 12.88 -28.64 8.07
N GLY C 226 13.23 -29.19 6.91
CA GLY C 226 12.26 -29.92 6.12
C GLY C 226 11.80 -31.20 6.81
N THR C 227 12.73 -31.92 7.42
CA THR C 227 12.38 -33.15 8.13
C THR C 227 11.50 -32.88 9.34
N GLU C 228 11.62 -31.70 9.95
CA GLU C 228 10.84 -31.37 11.14
C GLU C 228 9.35 -31.33 10.83
N VAL C 229 8.96 -30.79 9.66
CA VAL C 229 7.56 -30.70 9.32
C VAL C 229 6.97 -32.08 9.06
N VAL C 230 7.71 -32.96 8.39
CA VAL C 230 7.20 -34.28 8.05
C VAL C 230 6.93 -35.09 9.31
N LYS C 231 7.80 -34.95 10.33
CA LYS C 231 7.60 -35.67 11.56
C LYS C 231 6.32 -35.23 12.28
N ALA C 232 6.06 -33.93 12.33
CA ALA C 232 4.85 -33.43 12.96
C ALA C 232 3.60 -33.85 12.19
N LYS C 233 3.73 -34.18 10.92
CA LYS C 233 2.62 -34.63 10.09
C LYS C 233 2.48 -36.15 10.12
N ALA C 234 3.28 -36.84 10.94
CA ALA C 234 3.27 -38.30 11.05
C ALA C 234 3.55 -38.96 9.71
N GLY C 235 4.47 -38.38 8.95
CA GLY C 235 4.87 -38.95 7.67
C GLY C 235 3.75 -39.02 6.66
N ARG C 236 2.83 -38.06 6.69
CA ARG C 236 1.71 -38.03 5.76
C ARG C 236 1.88 -37.03 4.63
N GLY C 237 2.87 -36.14 4.72
CA GLY C 237 3.13 -35.18 3.67
C GLY C 237 4.34 -34.33 3.96
N SER C 238 4.40 -33.15 3.34
CA SER C 238 5.49 -32.21 3.57
C SER C 238 4.89 -30.82 3.71
N ALA C 239 5.75 -29.81 3.80
CA ALA C 239 5.27 -28.44 3.88
C ALA C 239 4.63 -28.03 2.56
N THR C 240 3.45 -27.45 2.64
CA THR C 240 2.76 -26.99 1.43
C THR C 240 2.33 -25.53 1.53
N LEU C 241 1.92 -25.06 2.70
CA LEU C 241 1.55 -23.67 2.84
C LEU C 241 2.77 -22.75 2.79
N SER C 242 3.91 -23.22 3.32
CA SER C 242 5.12 -22.41 3.31
C SER C 242 5.78 -22.36 1.94
N MET C 243 5.72 -23.45 1.18
CA MET C 243 6.32 -23.45 -0.14
C MET C 243 5.47 -22.68 -1.14
N ALA C 244 4.15 -22.61 -0.94
CA ALA C 244 3.31 -21.82 -1.83
C ALA C 244 3.59 -20.33 -1.70
N GLU C 245 3.84 -19.87 -0.47
CA GLU C 245 4.15 -18.46 -0.26
C GLU C 245 5.46 -18.06 -0.93
N ALA C 246 6.49 -18.90 -0.81
CA ALA C 246 7.78 -18.60 -1.42
C ALA C 246 7.70 -18.62 -2.94
N GLY C 247 7.01 -19.60 -3.50
CA GLY C 247 6.91 -19.68 -4.94
C GLY C 247 6.18 -18.51 -5.56
N ALA C 248 5.12 -18.04 -4.89
CA ALA C 248 4.36 -16.91 -5.41
C ALA C 248 5.12 -15.60 -5.24
N ARG C 249 5.85 -15.45 -4.13
CA ARG C 249 6.60 -14.23 -3.90
C ARG C 249 7.71 -14.05 -4.92
N PHE C 250 8.38 -15.14 -5.31
CA PHE C 250 9.45 -15.05 -6.29
C PHE C 250 8.92 -14.66 -7.66
N THR C 251 7.77 -15.21 -8.06
CA THR C 251 7.20 -14.89 -9.37
C THR C 251 6.82 -13.42 -9.50
N MET C 252 6.57 -12.74 -8.37
CA MET C 252 6.32 -11.30 -8.42
C MET C 252 7.55 -10.54 -8.87
N HIS C 253 8.73 -10.96 -8.40
CA HIS C 253 9.97 -10.29 -8.79
C HIS C 253 10.24 -10.43 -10.29
N VAL C 254 10.03 -11.63 -10.83
CA VAL C 254 10.30 -11.85 -12.25
C VAL C 254 9.33 -11.06 -13.12
N VAL C 255 8.04 -11.08 -12.78
CA VAL C 255 7.04 -10.42 -13.61
C VAL C 255 7.17 -8.91 -13.52
N LYS C 256 7.37 -8.38 -12.30
CA LYS C 256 7.47 -6.92 -12.14
C LYS C 256 8.71 -6.37 -12.85
N ALA C 257 9.80 -7.12 -12.88
CA ALA C 257 11.00 -6.67 -13.57
C ALA C 257 10.89 -6.79 -15.07
N LEU C 258 10.13 -7.79 -15.56
CA LEU C 258 9.99 -7.97 -17.00
C LEU C 258 9.30 -6.78 -17.65
N MET C 259 8.30 -6.22 -16.99
CA MET C 259 7.55 -5.08 -17.51
C MET C 259 8.18 -3.75 -17.10
N GLY C 260 9.45 -3.75 -16.70
CA GLY C 260 10.18 -2.52 -16.48
C GLY C 260 9.66 -1.67 -15.35
N LEU C 261 9.17 -2.30 -14.28
CA LEU C 261 8.72 -1.58 -13.10
C LEU C 261 9.64 -1.74 -11.91
N ASP C 262 10.66 -2.60 -11.99
CA ASP C 262 11.63 -2.73 -10.92
C ASP C 262 12.84 -3.50 -11.46
N THR C 263 13.95 -3.40 -10.71
CA THR C 263 15.17 -4.18 -10.97
C THR C 263 15.62 -4.77 -9.64
N PRO C 264 15.09 -5.94 -9.26
CA PRO C 264 15.37 -6.48 -7.93
C PRO C 264 16.62 -7.36 -7.89
N MET C 265 17.19 -7.44 -6.69
CA MET C 265 18.35 -8.29 -6.41
C MET C 265 17.88 -9.46 -5.56
N VAL C 266 18.00 -10.68 -6.12
CA VAL C 266 17.49 -11.88 -5.48
C VAL C 266 18.57 -12.95 -5.51
N TYR C 267 18.38 -13.98 -4.68
CA TYR C 267 19.23 -15.16 -4.68
C TYR C 267 18.48 -16.31 -5.34
N ALA C 268 19.16 -17.03 -6.24
CA ALA C 268 18.52 -18.11 -6.95
C ALA C 268 19.56 -19.13 -7.38
N TYR C 269 19.08 -20.33 -7.72
CA TYR C 269 19.91 -21.42 -8.20
C TYR C 269 19.98 -21.30 -9.72
N VAL C 270 20.96 -20.55 -10.21
CA VAL C 270 21.03 -20.18 -11.61
C VAL C 270 22.24 -20.84 -12.27
N ASP C 271 22.37 -20.63 -13.59
CA ASP C 271 23.57 -21.02 -14.30
C ASP C 271 24.72 -20.10 -13.94
N THR C 272 25.94 -20.65 -14.01
CA THR C 272 27.17 -19.90 -13.74
C THR C 272 28.08 -20.04 -14.94
N ASP C 273 27.99 -19.09 -15.88
CA ASP C 273 28.90 -19.05 -17.01
C ASP C 273 30.22 -18.44 -16.56
N GLY C 274 31.31 -19.18 -16.72
CA GLY C 274 32.57 -18.74 -16.13
C GLY C 274 32.41 -18.64 -14.63
N GLU C 275 32.87 -17.53 -14.06
CA GLU C 275 32.71 -17.24 -12.64
C GLU C 275 33.14 -18.40 -11.75
N HIS C 276 32.17 -19.06 -11.14
CA HIS C 276 32.46 -20.16 -10.23
C HIS C 276 32.76 -21.44 -11.01
N GLU C 277 33.47 -22.35 -10.35
CA GLU C 277 33.81 -23.62 -10.99
C GLU C 277 32.59 -24.52 -11.15
N CYS C 278 31.70 -24.53 -10.15
CA CYS C 278 30.49 -25.34 -10.26
C CYS C 278 29.60 -24.79 -11.37
N PRO C 279 29.16 -25.62 -12.31
CA PRO C 279 28.35 -25.10 -13.42
C PRO C 279 26.99 -24.56 -13.03
N PHE C 280 26.45 -24.93 -11.86
CA PHE C 280 25.09 -24.55 -11.52
C PHE C 280 24.96 -24.14 -10.06
N LEU C 281 25.89 -23.32 -9.56
CA LEU C 281 25.78 -22.88 -8.17
C LEU C 281 24.63 -21.88 -8.01
N ALA C 282 24.26 -21.64 -6.75
CA ALA C 282 23.24 -20.66 -6.40
C ALA C 282 23.89 -19.42 -5.83
N MET C 283 23.72 -18.29 -6.51
CA MET C 283 24.40 -17.05 -6.17
C MET C 283 23.46 -15.88 -6.41
N PRO C 284 23.75 -14.72 -5.82
CA PRO C 284 22.91 -13.53 -6.07
C PRO C 284 23.00 -13.05 -7.50
N VAL C 285 21.88 -12.48 -7.99
CA VAL C 285 21.79 -11.89 -9.32
C VAL C 285 20.94 -10.62 -9.25
N VAL C 286 20.89 -9.90 -10.36
CA VAL C 286 20.03 -8.74 -10.54
C VAL C 286 19.17 -8.99 -11.77
N LEU C 287 17.86 -8.77 -11.63
CA LEU C 287 16.90 -9.06 -12.68
C LEU C 287 16.55 -7.82 -13.47
N GLY C 288 16.33 -8.00 -14.77
CA GLY C 288 16.00 -6.89 -15.65
C GLY C 288 15.02 -7.25 -16.74
N LYS C 289 14.95 -6.44 -17.78
CA LYS C 289 13.96 -6.63 -18.85
C LYS C 289 14.26 -7.82 -19.73
N ASN C 290 15.44 -8.43 -19.62
CA ASN C 290 15.79 -9.60 -20.40
C ASN C 290 16.07 -10.84 -19.56
N GLY C 291 16.00 -10.73 -18.24
CA GLY C 291 16.28 -11.86 -17.38
C GLY C 291 17.44 -11.61 -16.44
N ILE C 292 18.39 -12.53 -16.39
CA ILE C 292 19.60 -12.32 -15.60
C ILE C 292 20.51 -11.37 -16.38
N GLU C 293 20.80 -10.21 -15.80
CA GLU C 293 21.61 -9.20 -16.46
C GLU C 293 22.92 -8.90 -15.74
N ARG C 294 23.10 -9.38 -14.52
CA ARG C 294 24.30 -9.07 -13.75
C ARG C 294 24.46 -10.10 -12.66
N ARG C 295 25.60 -10.80 -12.63
CA ARG C 295 25.90 -11.80 -11.62
C ARG C 295 26.92 -11.24 -10.64
N LEU C 296 26.61 -11.32 -9.37
CA LEU C 296 27.50 -10.72 -8.39
C LEU C 296 28.35 -11.77 -7.71
N PRO C 297 29.53 -11.40 -7.23
CA PRO C 297 30.34 -12.34 -6.45
C PRO C 297 29.70 -12.65 -5.11
N ILE C 298 30.07 -13.80 -4.56
CA ILE C 298 29.50 -14.23 -3.28
C ILE C 298 29.90 -13.27 -2.17
N GLY C 299 31.15 -12.84 -2.14
CA GLY C 299 31.59 -11.84 -1.19
C GLY C 299 32.46 -12.41 -0.09
N PRO C 300 32.76 -11.58 0.91
CA PRO C 300 33.58 -12.05 2.04
C PRO C 300 32.85 -13.09 2.87
N ILE C 301 33.62 -14.03 3.41
CA ILE C 301 33.12 -15.08 4.30
C ILE C 301 34.15 -15.31 5.40
N THR C 302 33.78 -16.13 6.37
CA THR C 302 34.66 -16.48 7.46
C THR C 302 35.15 -17.91 7.28
N THR C 303 35.92 -18.41 8.26
CA THR C 303 36.53 -19.73 8.14
C THR C 303 35.50 -20.85 8.25
N VAL C 304 34.57 -20.72 9.19
CA VAL C 304 33.56 -21.76 9.36
C VAL C 304 32.69 -21.89 8.12
N GLU C 305 32.28 -20.75 7.56
CA GLU C 305 31.48 -20.78 6.34
C GLU C 305 32.28 -21.25 5.14
N LYS C 306 33.58 -20.98 5.11
CA LYS C 306 34.42 -21.46 4.03
C LYS C 306 34.52 -22.99 4.05
N GLU C 307 34.68 -23.57 5.24
CA GLU C 307 34.72 -25.03 5.34
C GLU C 307 33.39 -25.64 4.93
N MET C 308 32.28 -25.05 5.35
CA MET C 308 30.96 -25.56 4.98
C MET C 308 30.75 -25.50 3.47
N LEU C 309 31.19 -24.42 2.83
CA LEU C 309 31.03 -24.29 1.40
C LEU C 309 31.91 -25.26 0.64
N GLU C 310 33.08 -25.60 1.18
CA GLU C 310 33.97 -26.55 0.51
C GLU C 310 33.34 -27.94 0.44
N GLU C 311 32.72 -28.38 1.53
CA GLU C 311 32.03 -29.68 1.52
C GLU C 311 30.76 -29.62 0.69
N ALA C 312 30.05 -28.48 0.73
CA ALA C 312 28.82 -28.34 -0.03
C ALA C 312 29.07 -28.43 -1.52
N VAL C 313 30.16 -27.83 -1.99
CA VAL C 313 30.47 -27.81 -3.41
C VAL C 313 30.67 -29.23 -3.93
N GLY C 314 31.32 -30.09 -3.12
CA GLY C 314 31.55 -31.46 -3.56
C GLY C 314 30.27 -32.23 -3.80
N VAL C 315 29.29 -32.08 -2.90
CA VAL C 315 28.02 -32.78 -3.06
C VAL C 315 27.23 -32.20 -4.22
N VAL C 316 27.23 -30.87 -4.36
CA VAL C 316 26.48 -30.22 -5.43
C VAL C 316 27.02 -30.68 -6.78
N LYS C 317 28.35 -30.76 -6.92
CA LYS C 317 28.94 -31.21 -8.17
C LYS C 317 28.51 -32.63 -8.51
N LYS C 318 28.44 -33.49 -7.49
CA LYS C 318 27.98 -34.86 -7.70
C LYS C 318 26.49 -34.90 -8.01
N ASN C 319 25.71 -34.02 -7.37
CA ASN C 319 24.28 -33.95 -7.63
C ASN C 319 23.99 -33.51 -9.06
N ILE C 320 24.78 -32.55 -9.57
CA ILE C 320 24.58 -32.07 -10.93
C ILE C 320 24.86 -33.17 -11.93
N ALA C 321 25.93 -33.93 -11.72
CA ALA C 321 26.32 -34.96 -12.68
C ALA C 321 25.28 -36.05 -12.81
N LYS C 322 24.67 -36.45 -11.68
CA LYS C 322 23.65 -37.50 -11.73
C LYS C 322 22.43 -37.05 -12.54
N GLY C 323 22.00 -35.82 -12.37
CA GLY C 323 20.83 -35.34 -13.09
C GLY C 323 21.07 -35.25 -14.59
N GLU C 324 22.24 -34.73 -14.98
CA GLU C 324 22.54 -34.59 -16.41
C GLU C 324 22.72 -35.94 -17.08
N THR C 325 23.10 -36.97 -16.32
CA THR C 325 23.18 -38.32 -16.88
C THR C 325 21.81 -38.82 -17.31
N PHE C 326 20.78 -38.57 -16.50
CA PHE C 326 19.41 -38.95 -16.82
C PHE C 326 18.91 -38.19 -18.05
N MET D 9 9.17 5.65 -20.30
CA MET D 9 7.77 5.22 -20.25
C MET D 9 6.81 6.39 -20.37
N VAL D 10 6.82 7.27 -19.38
CA VAL D 10 5.93 8.43 -19.35
C VAL D 10 6.73 9.65 -18.93
N ASN D 11 6.59 10.74 -19.68
CA ASN D 11 7.22 12.02 -19.37
C ASN D 11 6.13 13.01 -19.03
N VAL D 12 6.23 13.62 -17.84
CA VAL D 12 5.24 14.56 -17.34
C VAL D 12 5.91 15.91 -17.16
N ALA D 13 5.36 16.95 -17.79
CA ALA D 13 5.91 18.29 -17.74
C ALA D 13 5.01 19.18 -16.90
N VAL D 14 5.61 19.90 -15.95
CA VAL D 14 4.88 20.82 -15.08
C VAL D 14 5.33 22.24 -15.43
N ILE D 15 4.41 23.03 -15.97
CA ILE D 15 4.72 24.39 -16.40
C ILE D 15 4.34 25.34 -15.27
N GLY D 16 5.29 26.16 -14.84
CA GLY D 16 5.07 27.01 -13.69
C GLY D 16 5.37 26.29 -12.40
N ALA D 17 6.54 25.67 -12.32
CA ALA D 17 6.87 24.78 -11.22
C ALA D 17 7.42 25.51 -10.00
N ALA D 18 7.79 26.78 -10.12
CA ALA D 18 8.37 27.51 -9.00
C ALA D 18 7.35 28.34 -8.24
N GLY D 19 6.07 28.27 -8.61
CA GLY D 19 5.04 28.99 -7.89
C GLY D 19 4.62 28.28 -6.63
N GLY D 20 3.69 28.92 -5.91
CA GLY D 20 3.21 28.33 -4.67
C GLY D 20 2.49 27.01 -4.88
N ILE D 21 1.65 26.94 -5.90
CA ILE D 21 0.95 25.69 -6.20
C ILE D 21 1.89 24.69 -6.85
N GLY D 22 2.77 25.16 -7.74
CA GLY D 22 3.61 24.24 -8.49
C GLY D 22 4.62 23.50 -7.64
N GLN D 23 5.14 24.17 -6.61
CA GLN D 23 6.18 23.54 -5.79
C GLN D 23 5.64 22.33 -5.03
N SER D 24 4.49 22.49 -4.37
CA SER D 24 3.90 21.38 -3.64
C SER D 24 3.35 20.32 -4.57
N LEU D 25 2.84 20.73 -5.74
CA LEU D 25 2.37 19.77 -6.72
C LEU D 25 3.50 18.89 -7.23
N SER D 26 4.71 19.46 -7.34
CA SER D 26 5.86 18.68 -7.80
C SER D 26 6.35 17.71 -6.73
N LEU D 27 6.31 18.12 -5.46
CA LEU D 27 6.75 17.26 -4.38
C LEU D 27 5.89 16.00 -4.26
N LEU D 28 4.58 16.15 -4.41
CA LEU D 28 3.69 14.99 -4.32
C LEU D 28 3.84 14.08 -5.54
N LEU D 29 4.11 14.65 -6.72
CA LEU D 29 4.26 13.84 -7.91
C LEU D 29 5.55 13.03 -7.91
N LEU D 30 6.56 13.47 -7.17
CA LEU D 30 7.80 12.69 -7.08
C LEU D 30 7.59 11.41 -6.28
N ARG D 31 6.77 11.47 -5.24
CA ARG D 31 6.59 10.32 -4.35
C ARG D 31 5.61 9.29 -4.90
N GLU D 32 4.82 9.64 -5.91
CA GLU D 32 3.76 8.75 -6.38
C GLU D 32 3.94 8.28 -7.82
N LEU D 33 4.87 8.86 -8.58
CA LEU D 33 5.05 8.45 -9.95
C LEU D 33 5.59 7.02 -10.03
N PRO D 34 5.17 6.26 -11.03
CA PRO D 34 5.68 4.89 -11.16
C PRO D 34 7.17 4.84 -11.45
N PHE D 35 7.78 3.72 -11.09
CA PHE D 35 9.19 3.48 -11.40
C PHE D 35 9.41 3.51 -12.91
N GLY D 36 10.45 4.22 -13.33
CA GLY D 36 10.79 4.32 -14.74
C GLY D 36 10.24 5.52 -15.46
N SER D 37 9.66 6.49 -14.74
CA SER D 37 9.11 7.69 -15.34
C SER D 37 10.08 8.85 -15.17
N THR D 38 9.67 10.02 -15.66
CA THR D 38 10.55 11.19 -15.65
C THR D 38 9.72 12.46 -15.46
N LEU D 39 10.26 13.38 -14.66
CA LEU D 39 9.67 14.69 -14.42
C LEU D 39 10.34 15.73 -15.31
N SER D 40 9.63 16.84 -15.54
CA SER D 40 10.15 17.92 -16.37
C SER D 40 9.57 19.23 -15.83
N LEU D 41 10.42 20.06 -15.24
CA LEU D 41 9.98 21.28 -14.58
C LEU D 41 10.49 22.49 -15.36
N TYR D 42 9.61 23.47 -15.55
CA TYR D 42 9.94 24.69 -16.28
C TYR D 42 9.28 25.88 -15.61
N ASP D 43 10.02 26.99 -15.53
CA ASP D 43 9.43 28.25 -15.08
C ASP D 43 10.34 29.39 -15.52
N VAL D 44 9.77 30.59 -15.49
CA VAL D 44 10.52 31.79 -15.89
C VAL D 44 11.58 32.14 -14.85
N VAL D 45 11.25 32.00 -13.57
CA VAL D 45 12.15 32.38 -12.49
C VAL D 45 12.12 31.30 -11.41
N GLY D 46 13.30 30.87 -10.97
CA GLY D 46 13.42 29.95 -9.86
C GLY D 46 13.47 28.49 -10.22
N ALA D 47 13.49 28.15 -11.51
CA ALA D 47 13.57 26.73 -11.89
C ALA D 47 14.83 26.04 -11.39
N PRO D 48 16.04 26.61 -11.51
CA PRO D 48 17.22 25.89 -11.01
C PRO D 48 17.18 25.57 -9.53
N GLY D 49 16.61 26.44 -8.70
CA GLY D 49 16.55 26.16 -7.28
C GLY D 49 15.66 24.98 -6.94
N VAL D 50 14.50 24.89 -7.59
CA VAL D 50 13.59 23.78 -7.35
C VAL D 50 14.14 22.49 -7.94
N ALA D 51 14.73 22.57 -9.14
CA ALA D 51 15.15 21.36 -9.85
C ALA D 51 16.23 20.61 -9.09
N ALA D 52 17.22 21.33 -8.57
CA ALA D 52 18.27 20.68 -7.77
C ALA D 52 17.92 20.73 -6.29
N ASP D 53 16.70 20.38 -5.98
CA ASP D 53 16.18 20.21 -4.63
C ASP D 53 15.42 18.90 -4.48
N LEU D 54 14.71 18.47 -5.52
CA LEU D 54 14.02 17.19 -5.55
C LEU D 54 14.90 16.07 -6.06
N SER D 55 16.06 16.37 -6.63
CA SER D 55 16.98 15.33 -7.08
C SER D 55 17.78 14.72 -5.95
N HIS D 56 17.79 15.34 -4.77
CA HIS D 56 18.47 14.75 -3.63
C HIS D 56 17.65 13.65 -2.97
N ILE D 57 16.32 13.72 -3.04
CA ILE D 57 15.47 12.62 -2.57
C ILE D 57 15.72 11.40 -3.44
N ASP D 58 15.95 10.26 -2.81
CA ASP D 58 16.46 9.10 -3.55
C ASP D 58 15.50 8.65 -4.63
N ARG D 59 14.36 8.09 -4.25
CA ARG D 59 13.30 7.67 -5.17
C ARG D 59 13.89 7.05 -6.45
N ALA D 60 14.57 5.92 -6.26
CA ALA D 60 15.27 5.28 -7.36
C ALA D 60 14.32 4.95 -8.50
N GLY D 61 14.77 5.22 -9.73
CA GLY D 61 13.99 4.97 -10.93
C GLY D 61 13.35 6.19 -11.54
N ILE D 62 13.62 7.39 -11.03
CA ILE D 62 13.02 8.63 -11.51
C ILE D 62 14.15 9.60 -11.85
N THR D 63 14.04 10.23 -13.01
CA THR D 63 15.00 11.25 -13.45
C THR D 63 14.30 12.60 -13.56
N VAL D 64 14.96 13.65 -13.09
CA VAL D 64 14.40 15.00 -13.02
C VAL D 64 15.14 15.87 -14.01
N LYS D 65 14.40 16.42 -14.98
CA LYS D 65 14.96 17.35 -15.95
C LYS D 65 14.70 18.78 -15.50
N HIS D 66 15.11 19.75 -16.33
CA HIS D 66 15.08 21.14 -15.90
C HIS D 66 15.35 22.03 -17.10
N ALA D 67 14.73 23.22 -17.09
CA ALA D 67 14.91 24.19 -18.17
C ALA D 67 14.57 25.57 -17.64
N ALA D 68 15.55 26.46 -17.59
CA ALA D 68 15.33 27.78 -17.04
C ALA D 68 14.54 28.64 -18.04
N GLY D 69 13.99 29.73 -17.51
CA GLY D 69 13.20 30.62 -18.33
C GLY D 69 14.03 31.63 -19.09
N LYS D 70 13.68 32.90 -19.00
CA LYS D 70 14.43 33.95 -19.67
C LYS D 70 14.28 35.23 -18.85
N LEU D 71 14.58 36.37 -19.48
CA LEU D 71 14.30 37.70 -18.99
C LEU D 71 12.78 37.88 -19.00
N PRO D 72 12.23 39.04 -18.61
CA PRO D 72 10.78 39.27 -18.75
C PRO D 72 10.22 38.61 -19.99
N PRO D 73 9.12 37.88 -19.86
CA PRO D 73 8.79 36.83 -20.83
C PRO D 73 8.70 37.34 -22.26
N VAL D 74 9.17 36.52 -23.19
CA VAL D 74 9.10 36.81 -24.61
C VAL D 74 8.22 35.76 -25.27
N PRO D 75 7.50 36.09 -26.34
CA PRO D 75 6.74 35.06 -27.05
C PRO D 75 7.67 33.98 -27.61
N ARG D 76 7.19 32.74 -27.57
CA ARG D 76 7.93 31.60 -28.09
C ARG D 76 9.33 31.50 -27.47
N ASP D 77 9.36 31.26 -26.17
CA ASP D 77 10.62 31.12 -25.46
C ASP D 77 11.40 29.94 -26.03
N PRO D 78 12.65 30.13 -26.45
CA PRO D 78 13.42 29.00 -27.01
C PRO D 78 13.64 27.88 -26.01
N ALA D 79 13.83 28.21 -24.73
CA ALA D 79 14.12 27.18 -23.73
C ALA D 79 12.95 26.23 -23.53
N LEU D 80 11.73 26.69 -23.78
CA LEU D 80 10.55 25.84 -23.65
C LEU D 80 10.35 24.94 -24.85
N THR D 81 11.15 25.10 -25.91
CA THR D 81 10.96 24.32 -27.12
C THR D 81 11.70 22.98 -27.06
N GLU D 82 12.86 22.93 -26.41
CA GLU D 82 13.55 21.65 -26.26
C GLU D 82 12.91 20.79 -25.17
N LEU D 83 12.44 21.40 -24.08
CA LEU D 83 11.81 20.63 -23.02
C LEU D 83 10.52 19.98 -23.50
N ALA D 84 9.83 20.61 -24.46
CA ALA D 84 8.56 20.09 -24.94
C ALA D 84 8.71 18.82 -25.78
N GLU D 85 9.93 18.42 -26.11
CA GLU D 85 10.15 17.24 -26.94
C GLU D 85 9.96 15.98 -26.11
N GLY D 86 9.00 15.14 -26.52
CA GLY D 86 8.77 13.87 -25.88
C GLY D 86 7.80 13.87 -24.72
N VAL D 87 7.27 15.02 -24.33
CA VAL D 87 6.36 15.09 -23.20
C VAL D 87 5.06 14.37 -23.53
N ASP D 88 4.46 13.74 -22.51
CA ASP D 88 3.20 13.03 -22.67
C ASP D 88 2.02 13.69 -21.97
N VAL D 89 2.25 14.46 -20.91
CA VAL D 89 1.19 15.16 -20.19
C VAL D 89 1.69 16.55 -19.83
N PHE D 90 0.86 17.56 -20.07
CA PHE D 90 1.20 18.94 -19.75
C PHE D 90 0.28 19.44 -18.64
N VAL D 91 0.88 19.97 -17.56
CA VAL D 91 0.10 20.49 -16.44
C VAL D 91 0.28 22.00 -16.36
N ILE D 92 -0.63 22.75 -16.98
CA ILE D 92 -0.54 24.19 -17.03
C ILE D 92 -0.96 24.76 -15.68
N VAL D 93 0.00 25.31 -14.94
CA VAL D 93 -0.25 25.85 -13.61
C VAL D 93 0.08 27.33 -13.50
N ALA D 94 0.79 27.90 -14.47
CA ALA D 94 1.22 29.28 -14.38
C ALA D 94 0.02 30.23 -14.29
N GLY D 95 0.17 31.27 -13.49
CA GLY D 95 -0.89 32.23 -13.31
C GLY D 95 -0.38 33.47 -12.63
N VAL D 96 -1.31 34.35 -12.27
CA VAL D 96 -0.98 35.58 -11.56
C VAL D 96 -0.52 35.26 -10.14
N LEU D 107 -7.93 40.30 -13.57
CA LEU D 107 -7.18 39.06 -13.52
C LEU D 107 -7.36 38.25 -14.80
N PHE D 108 -8.57 38.30 -15.36
CA PHE D 108 -8.86 37.50 -16.55
C PHE D 108 -8.01 37.95 -17.74
N ASN D 109 -7.81 39.27 -17.89
CA ASN D 109 -7.02 39.77 -19.00
C ASN D 109 -5.57 39.32 -18.90
N VAL D 110 -4.98 39.36 -17.70
CA VAL D 110 -3.59 38.96 -17.53
C VAL D 110 -3.45 37.45 -17.70
N ASN D 111 -4.33 36.68 -17.06
CA ASN D 111 -4.20 35.23 -17.07
C ASN D 111 -4.50 34.63 -18.44
N ALA D 112 -5.32 35.30 -19.24
CA ALA D 112 -5.62 34.78 -20.57
C ALA D 112 -4.42 34.88 -21.49
N GLY D 113 -3.57 35.90 -21.32
CA GLY D 113 -2.39 36.01 -22.14
C GLY D 113 -1.38 34.93 -21.87
N ILE D 114 -1.19 34.58 -20.59
CA ILE D 114 -0.22 33.55 -20.23
C ILE D 114 -0.65 32.20 -20.77
N VAL D 115 -1.92 31.83 -20.56
CA VAL D 115 -2.41 30.54 -21.03
C VAL D 115 -2.31 30.44 -22.55
N MET D 116 -2.59 31.55 -23.24
CA MET D 116 -2.52 31.54 -24.70
C MET D 116 -1.09 31.37 -25.20
N ASP D 117 -0.11 31.91 -24.48
CA ASP D 117 1.27 31.83 -24.93
C ASP D 117 1.86 30.44 -24.74
N LEU D 118 1.59 29.81 -23.59
CA LEU D 118 2.22 28.53 -23.29
C LEU D 118 1.66 27.40 -24.14
N VAL D 119 0.35 27.38 -24.37
CA VAL D 119 -0.24 26.33 -25.18
C VAL D 119 0.27 26.42 -26.61
N LEU D 120 0.48 27.65 -27.11
CA LEU D 120 0.98 27.82 -28.46
C LEU D 120 2.36 27.19 -28.63
N THR D 121 3.25 27.40 -27.65
CA THR D 121 4.61 26.87 -27.77
C THR D 121 4.65 25.36 -27.58
N CYS D 122 3.93 24.84 -26.59
CA CYS D 122 4.01 23.43 -26.26
C CYS D 122 3.36 22.56 -27.32
N ALA D 123 2.19 22.97 -27.82
CA ALA D 123 1.47 22.14 -28.79
C ALA D 123 2.15 22.13 -30.15
N SER D 124 3.01 23.09 -30.45
CA SER D 124 3.73 23.10 -31.72
C SER D 124 4.80 22.03 -31.77
N VAL D 125 5.27 21.55 -30.63
CA VAL D 125 6.30 20.52 -30.58
C VAL D 125 5.71 19.15 -30.27
N SER D 126 4.71 19.09 -29.37
CA SER D 126 4.12 17.83 -28.92
C SER D 126 2.61 17.91 -29.16
N PRO D 127 2.16 17.68 -30.40
CA PRO D 127 0.73 17.81 -30.69
C PRO D 127 -0.12 16.65 -30.19
N ASN D 128 0.48 15.59 -29.65
CA ASN D 128 -0.26 14.40 -29.22
C ASN D 128 -0.16 14.18 -27.71
N ALA D 129 -0.23 15.24 -26.93
CA ALA D 129 -0.15 15.15 -25.49
C ALA D 129 -1.47 15.56 -24.85
N CYS D 130 -1.59 15.28 -23.55
CA CYS D 130 -2.76 15.65 -22.77
C CYS D 130 -2.51 16.95 -22.03
N PHE D 131 -3.52 17.82 -22.02
CA PHE D 131 -3.42 19.11 -21.35
C PHE D 131 -4.37 19.14 -20.16
N CYS D 132 -3.84 19.48 -19.00
CA CYS D 132 -4.61 19.55 -17.76
C CYS D 132 -4.54 20.98 -17.26
N ILE D 133 -5.59 21.76 -17.54
CA ILE D 133 -5.59 23.18 -17.22
C ILE D 133 -5.94 23.35 -15.75
N VAL D 134 -5.04 23.99 -15.00
CA VAL D 134 -5.25 24.29 -13.59
C VAL D 134 -5.30 25.79 -13.32
N THR D 135 -5.17 26.62 -14.35
CA THR D 135 -5.23 28.06 -14.15
C THR D 135 -6.61 28.45 -13.64
N ASN D 136 -6.66 29.52 -12.85
CA ASN D 136 -7.82 29.76 -11.99
C ASN D 136 -9.14 29.90 -12.74
N PRO D 137 -9.28 30.75 -13.77
CA PRO D 137 -10.62 30.85 -14.41
C PRO D 137 -10.90 29.67 -15.32
N VAL D 138 -11.19 28.52 -14.71
CA VAL D 138 -11.35 27.28 -15.47
C VAL D 138 -12.51 27.39 -16.43
N ASN D 139 -13.55 28.15 -16.08
CA ASN D 139 -14.68 28.32 -16.98
C ASN D 139 -14.29 29.06 -18.25
N SER D 140 -13.36 30.01 -18.16
CA SER D 140 -13.00 30.85 -19.28
C SER D 140 -11.69 30.47 -19.95
N THR D 141 -10.75 29.86 -19.22
CA THR D 141 -9.46 29.53 -19.83
C THR D 141 -9.50 28.22 -20.58
N THR D 142 -10.36 27.28 -20.20
CA THR D 142 -10.48 26.04 -20.96
C THR D 142 -10.96 26.27 -22.39
N PRO D 143 -12.00 27.06 -22.66
CA PRO D 143 -12.35 27.33 -24.06
C PRO D 143 -11.31 28.15 -24.81
N ILE D 144 -10.51 28.95 -24.10
CA ILE D 144 -9.44 29.71 -24.76
C ILE D 144 -8.42 28.78 -25.38
N ALA D 145 -8.02 27.75 -24.64
CA ALA D 145 -7.04 26.80 -25.17
C ALA D 145 -7.59 26.04 -26.37
N ALA D 146 -8.91 25.85 -26.42
CA ALA D 146 -9.50 25.20 -27.58
C ALA D 146 -9.33 26.05 -28.84
N GLN D 147 -9.51 27.36 -28.73
CA GLN D 147 -9.31 28.24 -29.87
C GLN D 147 -7.84 28.26 -30.29
N THR D 148 -6.93 28.26 -29.34
CA THR D 148 -5.51 28.29 -29.66
C THR D 148 -5.10 27.05 -30.43
N LEU D 149 -5.61 25.88 -30.04
CA LEU D 149 -5.26 24.65 -30.72
C LEU D 149 -5.87 24.54 -32.11
N ARG D 150 -6.97 25.27 -32.37
CA ARG D 150 -7.59 25.19 -33.69
C ARG D 150 -6.83 25.97 -34.74
N LYS D 151 -6.19 27.09 -34.36
CA LYS D 151 -5.38 27.83 -35.31
C LYS D 151 -4.21 26.99 -35.81
N ILE D 152 -3.56 26.26 -34.91
CA ILE D 152 -2.43 25.42 -35.29
C ILE D 152 -2.88 24.31 -36.23
N GLY D 153 -4.09 23.79 -36.03
CA GLY D 153 -4.63 22.74 -36.85
C GLY D 153 -4.74 21.40 -36.19
N VAL D 154 -4.33 21.28 -34.93
CA VAL D 154 -4.43 20.03 -34.17
C VAL D 154 -5.30 20.30 -32.95
N TYR D 155 -6.39 19.55 -32.82
CA TYR D 155 -7.28 19.69 -31.68
C TYR D 155 -7.99 18.37 -31.46
N ASN D 156 -7.66 17.69 -30.36
CA ASN D 156 -8.37 16.52 -29.91
C ASN D 156 -9.23 16.90 -28.71
N LYS D 157 -10.53 16.68 -28.82
CA LYS D 157 -11.43 16.98 -27.71
C LYS D 157 -11.34 15.96 -26.59
N ASN D 158 -10.82 14.76 -26.87
CA ASN D 158 -10.61 13.74 -25.85
C ASN D 158 -9.30 13.93 -25.10
N LYS D 159 -8.47 14.89 -25.48
CA LYS D 159 -7.17 15.09 -24.85
C LYS D 159 -7.07 16.41 -24.11
N LEU D 160 -8.18 17.13 -23.95
CA LEU D 160 -8.18 18.41 -23.25
C LEU D 160 -9.16 18.33 -22.09
N LEU D 161 -8.66 18.50 -20.87
CA LEU D 161 -9.47 18.43 -19.67
C LEU D 161 -9.14 19.58 -18.75
N GLY D 162 -10.11 19.98 -17.95
CA GLY D 162 -9.93 21.01 -16.94
C GLY D 162 -10.10 20.41 -15.55
N VAL D 163 -9.25 20.84 -14.62
CA VAL D 163 -9.22 20.26 -13.27
C VAL D 163 -10.22 21.01 -12.41
N SER D 164 -11.28 20.32 -11.98
CA SER D 164 -12.28 20.88 -11.09
C SER D 164 -12.61 19.89 -9.97
N LEU D 165 -11.58 19.21 -9.46
CA LEU D 165 -11.76 18.20 -8.44
C LEU D 165 -11.71 18.74 -7.02
N LEU D 166 -11.46 20.04 -6.86
CA LEU D 166 -11.44 20.62 -5.52
C LEU D 166 -12.84 20.72 -4.92
N ASP D 167 -13.90 20.70 -5.75
CA ASP D 167 -15.25 20.73 -5.22
C ASP D 167 -15.62 19.40 -4.58
N GLY D 168 -15.31 18.29 -5.26
CA GLY D 168 -15.62 16.98 -4.69
C GLY D 168 -14.92 16.73 -3.37
N LEU D 169 -13.69 17.25 -3.24
CA LEU D 169 -12.99 17.16 -1.96
C LEU D 169 -13.71 17.95 -0.88
N ARG D 170 -14.21 19.14 -1.24
CA ARG D 170 -14.92 19.96 -0.26
C ARG D 170 -16.29 19.37 0.05
N ALA D 171 -16.97 18.84 -0.96
CA ALA D 171 -18.31 18.30 -0.74
C ALA D 171 -18.28 17.06 0.15
N THR D 172 -17.34 16.14 -0.09
CA THR D 172 -17.27 14.91 0.69
C THR D 172 -16.93 15.20 2.14
N ARG D 173 -16.00 16.13 2.38
CA ARG D 173 -15.60 16.43 3.74
C ARG D 173 -16.75 17.04 4.55
N PHE D 174 -17.59 17.85 3.90
CA PHE D 174 -18.66 18.52 4.63
C PHE D 174 -19.78 17.56 4.99
N ILE D 175 -20.12 16.63 4.09
CA ILE D 175 -21.20 15.69 4.39
C ILE D 175 -20.75 14.66 5.41
N ASN D 176 -19.49 14.23 5.34
CA ASN D 176 -19.00 13.20 6.26
C ASN D 176 -18.87 13.72 7.69
N ASN D 177 -18.78 15.03 7.87
CA ASN D 177 -18.71 15.61 9.20
C ASN D 177 -20.05 15.71 9.88
N ALA D 178 -21.15 15.47 9.15
CA ALA D 178 -22.49 15.55 9.71
C ALA D 178 -23.17 14.20 9.87
N ARG D 179 -22.73 13.18 9.14
CA ARG D 179 -23.32 11.85 9.20
C ARG D 179 -22.39 10.85 9.87
N HIS D 180 -21.61 11.30 10.84
CA HIS D 180 -20.72 10.41 11.57
C HIS D 180 -21.53 9.37 12.34
N PRO D 181 -21.10 8.11 12.38
CA PRO D 181 -19.89 7.53 11.79
C PRO D 181 -20.09 6.90 10.42
N LEU D 182 -21.01 7.39 9.60
CA LEU D 182 -21.18 6.90 8.24
C LEU D 182 -20.30 7.71 7.30
N VAL D 183 -19.54 7.02 6.46
CA VAL D 183 -18.51 7.63 5.63
C VAL D 183 -18.70 7.19 4.19
N VAL D 184 -18.64 8.16 3.26
CA VAL D 184 -18.70 7.87 1.83
C VAL D 184 -17.36 8.26 1.20
N PRO D 185 -16.94 7.61 0.12
CA PRO D 185 -15.65 7.96 -0.51
C PRO D 185 -15.68 9.18 -1.40
N TYR D 186 -16.80 9.41 -2.11
CA TYR D 186 -16.85 10.52 -3.06
C TYR D 186 -18.28 11.03 -3.21
N VAL D 187 -18.39 12.25 -3.72
CA VAL D 187 -19.67 12.92 -3.92
C VAL D 187 -19.73 13.50 -5.33
N PRO D 188 -20.78 13.22 -6.11
CA PRO D 188 -20.84 13.75 -7.49
C PRO D 188 -21.19 15.23 -7.51
N VAL D 189 -20.38 16.01 -8.23
CA VAL D 189 -20.58 17.44 -8.38
C VAL D 189 -20.47 17.78 -9.87
N VAL D 190 -21.45 18.53 -10.38
CA VAL D 190 -21.51 18.92 -11.78
C VAL D 190 -21.70 20.43 -11.87
N GLY D 191 -21.85 20.93 -13.10
CA GLY D 191 -22.09 22.33 -13.33
C GLY D 191 -20.88 23.09 -13.85
N GLY D 192 -20.44 24.10 -13.09
CA GLY D 192 -19.26 24.88 -13.41
C GLY D 192 -18.31 24.87 -12.23
N HIS D 193 -17.52 25.94 -12.10
CA HIS D 193 -16.51 25.94 -11.06
C HIS D 193 -16.24 27.27 -10.34
N SER D 194 -17.09 28.30 -10.52
N SER D 194 -17.08 28.29 -10.52
CA SER D 194 -16.66 29.57 -9.93
CA SER D 194 -16.65 29.57 -9.94
C SER D 194 -17.24 29.85 -8.56
C SER D 194 -17.24 29.86 -8.56
N ASP D 195 -18.52 30.24 -8.48
CA ASP D 195 -19.17 30.33 -7.17
C ASP D 195 -20.67 30.11 -7.16
N VAL D 196 -21.30 29.91 -8.32
CA VAL D 196 -22.75 29.77 -8.39
C VAL D 196 -23.06 28.63 -9.33
N THR D 197 -22.04 28.23 -10.09
CA THR D 197 -22.17 27.17 -11.07
C THR D 197 -21.86 25.81 -10.48
N ILE D 198 -21.58 25.73 -9.18
CA ILE D 198 -21.34 24.48 -8.49
C ILE D 198 -22.65 23.95 -7.95
N VAL D 199 -23.02 22.74 -8.33
CA VAL D 199 -24.22 22.10 -7.82
C VAL D 199 -23.89 20.69 -7.37
N PRO D 200 -23.77 20.44 -6.06
CA PRO D 200 -23.51 19.08 -5.58
C PRO D 200 -24.78 18.24 -5.57
N LEU D 201 -24.64 16.97 -5.99
CA LEU D 201 -25.77 16.05 -6.06
C LEU D 201 -25.71 15.14 -4.84
N TYR D 202 -26.26 15.62 -3.72
CA TYR D 202 -26.25 14.88 -2.47
C TYR D 202 -27.27 13.75 -2.45
N SER D 203 -28.22 13.73 -3.38
CA SER D 203 -29.18 12.64 -3.43
C SER D 203 -28.58 11.36 -3.99
N GLN D 204 -27.47 11.45 -4.70
CA GLN D 204 -26.82 10.27 -5.28
C GLN D 204 -25.71 9.72 -4.38
N ILE D 205 -26.00 9.52 -3.11
CA ILE D 205 -25.07 8.82 -2.22
C ILE D 205 -25.83 7.84 -1.35
N PRO D 206 -25.19 6.74 -0.98
CA PRO D 206 -25.87 5.75 -0.12
C PRO D 206 -26.09 6.27 1.28
N GLY D 207 -27.16 5.77 1.90
CA GLY D 207 -27.47 6.12 3.26
C GLY D 207 -28.52 7.22 3.36
N PRO D 208 -29.19 7.30 4.52
CA PRO D 208 -30.24 8.30 4.70
C PRO D 208 -29.66 9.71 4.78
N LEU D 209 -30.10 10.59 3.90
CA LEU D 209 -29.66 11.97 3.93
C LEU D 209 -30.16 12.63 5.22
N PRO D 210 -29.41 13.61 5.75
CA PRO D 210 -29.73 14.14 7.08
C PRO D 210 -31.14 14.69 7.22
N ASP D 211 -31.45 15.71 6.44
CA ASP D 211 -32.69 16.46 6.60
C ASP D 211 -32.80 17.43 5.43
N GLU D 212 -33.80 18.29 5.46
CA GLU D 212 -33.84 19.49 4.64
C GLU D 212 -33.62 20.70 5.55
N SER D 213 -33.40 21.85 4.92
CA SER D 213 -33.12 23.11 5.62
C SER D 213 -31.76 23.07 6.31
N THR D 214 -31.10 21.91 6.29
CA THR D 214 -29.69 21.79 6.63
C THR D 214 -28.85 21.36 5.44
N LEU D 215 -29.42 20.60 4.51
CA LEU D 215 -28.76 20.38 3.23
C LEU D 215 -28.59 21.69 2.48
N LYS D 216 -29.52 22.63 2.68
CA LYS D 216 -29.40 23.94 2.04
C LYS D 216 -28.17 24.69 2.53
N GLU D 217 -27.89 24.62 3.83
CA GLU D 217 -26.70 25.29 4.37
C GLU D 217 -25.43 24.57 3.93
N ILE D 218 -25.47 23.24 3.79
CA ILE D 218 -24.29 22.50 3.35
C ILE D 218 -24.02 22.77 1.87
N ARG D 219 -25.07 22.72 1.04
CA ARG D 219 -24.88 22.96 -0.39
C ARG D 219 -24.43 24.38 -0.67
N LYS D 220 -24.80 25.32 0.19
CA LYS D 220 -24.36 26.70 0.04
C LYS D 220 -22.93 26.90 0.47
N ARG D 221 -22.48 26.19 1.51
CA ARG D 221 -21.11 26.36 1.98
C ARG D 221 -20.11 25.91 0.92
N VAL D 222 -20.43 24.85 0.18
CA VAL D 222 -19.56 24.40 -0.90
C VAL D 222 -19.39 25.49 -1.95
N GLN D 223 -20.40 26.34 -2.11
CA GLN D 223 -20.39 27.39 -3.12
C GLN D 223 -19.67 28.66 -2.68
N VAL D 224 -19.34 28.80 -1.40
CA VAL D 224 -18.76 30.04 -0.91
C VAL D 224 -17.51 29.74 -0.09
N ALA D 225 -17.02 28.51 -0.18
CA ALA D 225 -15.87 28.09 0.62
C ALA D 225 -14.61 28.86 0.24
N GLY D 226 -14.48 29.24 -1.04
CA GLY D 226 -13.26 29.92 -1.46
C GLY D 226 -13.04 31.23 -0.74
N THR D 227 -14.11 32.02 -0.56
CA THR D 227 -13.98 33.29 0.16
C THR D 227 -13.63 33.07 1.62
N GLU D 228 -14.04 31.93 2.19
CA GLU D 228 -13.71 31.65 3.58
C GLU D 228 -12.22 31.48 3.79
N VAL D 229 -11.54 30.81 2.85
CA VAL D 229 -10.09 30.65 2.94
C VAL D 229 -9.39 32.00 2.82
N VAL D 230 -9.83 32.83 1.88
CA VAL D 230 -9.22 34.15 1.70
C VAL D 230 -9.46 35.01 2.93
N LYS D 231 -10.63 34.90 3.55
CA LYS D 231 -10.93 35.70 4.73
C LYS D 231 -9.99 35.37 5.89
N ALA D 232 -9.67 34.09 6.06
CA ALA D 232 -8.78 33.68 7.15
C ALA D 232 -7.36 34.23 6.95
N LYS D 233 -6.97 34.46 5.70
CA LYS D 233 -5.64 34.95 5.38
C LYS D 233 -5.54 36.47 5.39
N ALA D 234 -6.64 37.16 5.68
CA ALA D 234 -6.69 38.62 5.65
C ALA D 234 -6.24 39.17 4.30
N GLY D 235 -6.69 38.51 3.23
CA GLY D 235 -6.37 38.94 1.88
C GLY D 235 -4.91 38.82 1.52
N ARG D 236 -4.26 37.73 1.89
CA ARG D 236 -2.86 37.49 1.57
C ARG D 236 -2.64 36.41 0.53
N GLY D 237 -3.58 35.51 0.34
CA GLY D 237 -3.43 34.43 -0.60
C GLY D 237 -4.70 33.64 -0.77
N SER D 238 -4.55 32.41 -1.26
CA SER D 238 -5.68 31.51 -1.49
C SER D 238 -5.26 30.11 -1.07
N ALA D 239 -6.11 29.14 -1.41
CA ALA D 239 -5.91 27.75 -0.97
C ALA D 239 -4.83 27.10 -1.83
N THR D 240 -3.57 27.41 -1.49
CA THR D 240 -2.45 26.84 -2.23
C THR D 240 -2.32 25.34 -1.98
N LEU D 241 -2.45 24.91 -0.73
CA LEU D 241 -2.26 23.49 -0.41
C LEU D 241 -3.41 22.64 -0.93
N SER D 242 -4.62 23.18 -0.95
CA SER D 242 -5.78 22.39 -1.35
C SER D 242 -5.70 21.99 -2.82
N MET D 243 -5.45 22.96 -3.71
CA MET D 243 -5.39 22.63 -5.13
C MET D 243 -4.11 21.91 -5.51
N ALA D 244 -3.05 22.03 -4.69
CA ALA D 244 -1.88 21.20 -4.90
C ALA D 244 -2.22 19.72 -4.71
N GLU D 245 -2.91 19.41 -3.62
CA GLU D 245 -3.38 18.04 -3.40
C GLU D 245 -4.40 17.62 -4.45
N ALA D 246 -5.33 18.51 -4.77
CA ALA D 246 -6.33 18.21 -5.79
C ALA D 246 -5.69 18.07 -7.18
N GLY D 247 -4.74 18.94 -7.50
CA GLY D 247 -4.09 18.86 -8.80
C GLY D 247 -3.21 17.64 -8.94
N ALA D 248 -2.50 17.25 -7.87
CA ALA D 248 -1.63 16.09 -7.94
C ALA D 248 -2.44 14.79 -8.03
N ARG D 249 -3.54 14.71 -7.28
CA ARG D 249 -4.37 13.52 -7.31
C ARG D 249 -5.01 13.32 -8.67
N PHE D 250 -5.45 14.40 -9.31
CA PHE D 250 -6.08 14.29 -10.62
C PHE D 250 -5.07 13.82 -11.67
N THR D 251 -3.84 14.31 -11.61
CA THR D 251 -2.84 13.94 -12.61
C THR D 251 -2.51 12.46 -12.55
N MET D 252 -2.49 11.87 -11.36
CA MET D 252 -2.18 10.45 -11.24
C MET D 252 -3.21 9.58 -11.96
N HIS D 253 -4.46 10.04 -12.03
CA HIS D 253 -5.47 9.30 -12.77
C HIS D 253 -5.14 9.25 -14.26
N VAL D 254 -4.66 10.36 -14.81
CA VAL D 254 -4.44 10.45 -16.25
C VAL D 254 -3.25 9.59 -16.68
N VAL D 255 -2.14 9.66 -15.93
CA VAL D 255 -0.95 8.91 -16.32
C VAL D 255 -1.19 7.42 -16.20
N LYS D 256 -1.83 6.97 -15.11
CA LYS D 256 -2.08 5.55 -14.94
C LYS D 256 -2.96 5.00 -16.04
N ALA D 257 -3.98 5.76 -16.45
CA ALA D 257 -4.84 5.33 -17.55
C ALA D 257 -4.12 5.36 -18.89
N LEU D 258 -3.02 6.11 -19.01
CA LEU D 258 -2.25 6.10 -20.25
C LEU D 258 -1.43 4.82 -20.36
N MET D 259 -0.81 4.38 -19.27
CA MET D 259 -0.05 3.14 -19.27
C MET D 259 -0.92 1.90 -19.34
N GLY D 260 -2.22 2.03 -19.08
CA GLY D 260 -3.12 0.90 -19.09
C GLY D 260 -3.31 0.22 -17.75
N LEU D 261 -2.91 0.86 -16.66
CA LEU D 261 -2.98 0.25 -15.33
C LEU D 261 -4.29 0.56 -14.61
N ASP D 262 -5.20 1.32 -15.21
CA ASP D 262 -6.45 1.69 -14.56
C ASP D 262 -7.39 2.29 -15.59
N THR D 263 -8.69 2.25 -15.30
CA THR D 263 -9.73 2.93 -16.08
C THR D 263 -10.66 3.66 -15.11
N PRO D 264 -10.23 4.79 -14.57
CA PRO D 264 -11.03 5.45 -13.53
C PRO D 264 -12.19 6.26 -14.12
N MET D 265 -13.19 6.48 -13.28
CA MET D 265 -14.33 7.33 -13.60
C MET D 265 -14.23 8.59 -12.75
N VAL D 266 -14.16 9.75 -13.40
CA VAL D 266 -13.90 11.01 -12.72
C VAL D 266 -14.77 12.12 -13.31
N TYR D 267 -14.85 13.23 -12.59
CA TYR D 267 -15.62 14.40 -13.00
C TYR D 267 -14.65 15.52 -13.41
N ALA D 268 -14.82 16.04 -14.61
CA ALA D 268 -13.92 17.05 -15.13
C ALA D 268 -14.66 17.97 -16.10
N TYR D 269 -14.10 19.17 -16.28
CA TYR D 269 -14.67 20.21 -17.12
C TYR D 269 -14.20 19.98 -18.56
N VAL D 270 -15.00 19.27 -19.34
CA VAL D 270 -14.58 18.80 -20.65
C VAL D 270 -15.52 19.34 -21.71
N ASP D 271 -15.17 19.03 -22.96
CA ASP D 271 -15.95 19.40 -24.13
C ASP D 271 -16.80 18.21 -24.56
N THR D 272 -18.09 18.46 -24.81
CA THR D 272 -19.04 17.41 -25.17
C THR D 272 -19.33 17.47 -26.66
N ASP D 273 -19.25 16.33 -27.34
CA ASP D 273 -19.54 16.25 -28.76
C ASP D 273 -21.04 16.07 -28.98
N GLY D 274 -21.79 17.11 -28.67
CA GLY D 274 -23.24 17.03 -28.66
C GLY D 274 -23.77 16.98 -27.25
N GLU D 275 -24.58 15.96 -26.95
CA GLU D 275 -25.12 15.77 -25.61
C GLU D 275 -25.77 17.03 -25.07
N HIS D 276 -25.17 17.61 -24.02
CA HIS D 276 -25.71 18.82 -23.44
C HIS D 276 -25.62 19.98 -24.42
N GLU D 277 -26.59 20.89 -24.34
CA GLU D 277 -26.56 22.08 -25.20
C GLU D 277 -25.40 23.00 -24.85
N CYS D 278 -25.03 23.07 -23.57
CA CYS D 278 -23.86 23.85 -23.19
C CYS D 278 -22.60 23.11 -23.60
N PRO D 279 -21.68 23.75 -24.34
CA PRO D 279 -20.56 23.00 -24.93
C PRO D 279 -19.47 22.59 -23.96
N PHE D 280 -19.40 23.16 -22.76
CA PHE D 280 -18.28 22.94 -21.84
C PHE D 280 -18.77 22.67 -20.43
N LEU D 281 -19.72 21.76 -20.28
CA LEU D 281 -20.22 21.42 -18.95
C LEU D 281 -19.25 20.48 -18.23
N ALA D 282 -19.41 20.39 -16.91
CA ALA D 282 -18.64 19.47 -16.07
C ALA D 282 -19.49 18.23 -15.81
N MET D 283 -19.07 17.10 -16.38
CA MET D 283 -19.85 15.88 -16.39
C MET D 283 -18.94 14.69 -16.14
N PRO D 284 -19.50 13.55 -15.72
CA PRO D 284 -18.67 12.35 -15.53
C PRO D 284 -18.09 11.83 -16.84
N VAL D 285 -16.90 11.26 -16.74
CA VAL D 285 -16.21 10.69 -17.90
C VAL D 285 -15.43 9.46 -17.46
N VAL D 286 -15.05 8.64 -18.44
CA VAL D 286 -14.25 7.44 -18.22
C VAL D 286 -12.93 7.62 -18.94
N LEU D 287 -11.83 7.56 -18.19
CA LEU D 287 -10.51 7.73 -18.78
C LEU D 287 -10.00 6.42 -19.35
N GLY D 288 -9.16 6.52 -20.38
CA GLY D 288 -8.64 5.34 -21.05
C GLY D 288 -7.26 5.54 -21.63
N LYS D 289 -6.91 4.70 -22.61
CA LYS D 289 -5.57 4.78 -23.20
C LYS D 289 -5.40 6.03 -24.05
N ASN D 290 -6.46 6.48 -24.71
CA ASN D 290 -6.39 7.64 -25.60
C ASN D 290 -6.99 8.90 -24.98
N GLY D 291 -7.35 8.85 -23.70
CA GLY D 291 -7.98 10.00 -23.06
C GLY D 291 -9.38 9.68 -22.60
N ILE D 292 -10.34 10.51 -22.98
CA ILE D 292 -11.73 10.27 -22.64
C ILE D 292 -12.26 9.13 -23.49
N GLU D 293 -12.81 8.10 -22.84
CA GLU D 293 -13.35 6.96 -23.56
C GLU D 293 -14.87 6.88 -23.52
N ARG D 294 -15.52 7.53 -22.56
CA ARG D 294 -16.97 7.52 -22.50
C ARG D 294 -17.44 8.77 -21.76
N ARG D 295 -18.56 9.32 -22.20
CA ARG D 295 -19.24 10.42 -21.53
C ARG D 295 -20.57 9.90 -21.00
N LEU D 296 -20.77 10.04 -19.70
CA LEU D 296 -21.92 9.41 -19.08
C LEU D 296 -23.02 10.43 -18.80
N PRO D 297 -24.28 10.02 -18.89
CA PRO D 297 -25.37 10.94 -18.57
C PRO D 297 -25.35 11.35 -17.10
N ILE D 298 -25.90 12.54 -16.84
CA ILE D 298 -25.87 13.09 -15.48
C ILE D 298 -26.65 12.20 -14.52
N GLY D 299 -27.82 11.73 -14.94
CA GLY D 299 -28.62 10.85 -14.13
C GLY D 299 -29.78 11.55 -13.47
N PRO D 300 -30.56 10.81 -12.68
CA PRO D 300 -31.71 11.41 -12.01
C PRO D 300 -31.30 12.42 -10.95
N ILE D 301 -32.11 13.46 -10.81
CA ILE D 301 -31.95 14.48 -9.78
C ILE D 301 -33.31 14.83 -9.22
N THR D 302 -33.32 15.53 -8.09
CA THR D 302 -34.56 15.93 -7.45
C THR D 302 -34.98 17.32 -7.91
N THR D 303 -36.18 17.74 -7.47
CA THR D 303 -36.73 19.02 -7.89
C THR D 303 -35.92 20.19 -7.36
N VAL D 304 -35.45 20.10 -6.11
CA VAL D 304 -34.69 21.20 -5.53
C VAL D 304 -33.39 21.43 -6.29
N GLU D 305 -32.70 20.35 -6.66
CA GLU D 305 -31.47 20.47 -7.42
C GLU D 305 -31.71 20.79 -8.89
N LYS D 306 -32.93 20.58 -9.39
CA LYS D 306 -33.23 20.93 -10.77
C LYS D 306 -33.20 22.44 -10.99
N GLU D 307 -33.70 23.21 -10.01
CA GLU D 307 -33.68 24.66 -10.12
C GLU D 307 -32.26 25.19 -10.14
N MET D 308 -31.38 24.63 -9.32
CA MET D 308 -29.99 25.08 -9.30
C MET D 308 -29.29 24.80 -10.62
N LEU D 309 -29.51 23.61 -11.19
CA LEU D 309 -28.80 23.23 -12.41
C LEU D 309 -29.24 24.09 -13.59
N GLU D 310 -30.54 24.38 -13.70
CA GLU D 310 -31.01 25.19 -14.82
C GLU D 310 -30.46 26.61 -14.74
N GLU D 311 -30.38 27.17 -13.53
CA GLU D 311 -29.80 28.50 -13.37
C GLU D 311 -28.30 28.50 -13.68
N ALA D 312 -27.59 27.44 -13.29
CA ALA D 312 -26.15 27.41 -13.47
C ALA D 312 -25.76 27.41 -14.94
N VAL D 313 -26.53 26.71 -15.79
CA VAL D 313 -26.23 26.66 -17.21
C VAL D 313 -26.28 28.06 -17.82
N GLY D 314 -27.22 28.88 -17.35
CA GLY D 314 -27.32 30.24 -17.88
C GLY D 314 -26.08 31.07 -17.62
N VAL D 315 -25.50 30.95 -16.41
CA VAL D 315 -24.29 31.69 -16.10
C VAL D 315 -23.10 31.13 -16.88
N VAL D 316 -23.03 29.81 -17.01
CA VAL D 316 -21.89 29.19 -17.68
C VAL D 316 -21.80 29.63 -19.13
N LYS D 317 -22.95 29.80 -19.79
CA LYS D 317 -22.96 30.16 -21.21
C LYS D 317 -22.27 31.50 -21.45
N LYS D 318 -22.45 32.45 -20.53
CA LYS D 318 -21.78 33.75 -20.68
C LYS D 318 -20.27 33.61 -20.58
N ASN D 319 -19.78 32.80 -19.63
CA ASN D 319 -18.35 32.68 -19.41
C ASN D 319 -17.65 32.06 -20.61
N ILE D 320 -18.27 31.07 -21.25
CA ILE D 320 -17.66 30.45 -22.43
C ILE D 320 -17.55 31.46 -23.56
N ALA D 321 -18.62 32.23 -23.81
CA ALA D 321 -18.59 33.22 -24.88
C ALA D 321 -17.71 34.40 -24.52
N LYS D 322 -17.61 34.75 -23.24
CA LYS D 322 -16.73 35.84 -22.84
C LYS D 322 -15.27 35.49 -23.11
N GLY D 323 -14.89 34.24 -22.86
CA GLY D 323 -13.52 33.83 -23.12
C GLY D 323 -13.25 33.46 -24.56
N GLU D 324 -14.27 33.01 -25.29
CA GLU D 324 -14.08 32.60 -26.67
C GLU D 324 -14.05 33.78 -27.64
N THR D 325 -14.40 34.99 -27.19
CA THR D 325 -14.24 36.18 -28.01
C THR D 325 -12.95 36.92 -27.72
N PHE D 326 -12.30 36.64 -26.59
CA PHE D 326 -10.99 37.21 -26.33
C PHE D 326 -9.95 36.66 -27.29
N ALA D 327 -10.15 35.43 -27.77
CA ALA D 327 -9.21 34.82 -28.71
C ALA D 327 -9.20 35.51 -30.07
N ARG D 328 -10.14 36.40 -30.34
CA ARG D 328 -10.19 37.11 -31.61
C ARG D 328 -10.12 38.62 -31.40
#